data_2FHC
#
_entry.id   2FHC
#
_cell.length_a   150.539
_cell.length_b   60.655
_cell.length_c   135.393
_cell.angle_alpha   90.00
_cell.angle_beta   113.59
_cell.angle_gamma   90.00
#
_symmetry.space_group_name_H-M   'C 1 2 1'
#
loop_
_entity.id
_entity.type
_entity.pdbx_description
1 polymer 'Alpha-dextrin endo-1,6-alpha-glucosidase'
2 branched alpha-D-glucopyranose-(1-4)-alpha-D-glucopyranose-(1-4)-alpha-D-glucopyranose
3 branched alpha-D-glucopyranose-(1-4)-alpha-D-glucopyranose
4 non-polymer 'CALCIUM ION'
5 water water
#
_entity_poly.entity_id   1
_entity_poly.type   'polypeptide(L)'
_entity_poly.pdbx_seq_one_letter_code
;CDNSSSSSTSGSPGSPGNPGNPGTPGTPDPQDVVVRLPDVAVPGEAVQASARQAVIHLVDIAGITSSTPADYATKNLYLW
NNETCDALSAPVADWNDVSTTPTGSDKYGPYWVIPLTKESGCINVIVRDGTNKLIDSDLRVSFSDFTDRTVSVIAGNSAV
YDSRADAFRAAFGVALADAHWVDKTTLLWPGGENKPIVRLYYSHSSKVAADSNGEFSDKYVKLTPTTVNQQVSMRFPHLA
SYPAFKLPDDVNVDELLQGETVAIAAESDGILSSATQVQTAGVLDDTYAAAAEALSYGAQLTDSGVTFRVWAPTAQQVEL
VIYSADKKVIASHPMTRDSASGAWSWQGGSDLKGAFYRYAMTVYHPQSRKVEQYEVTDPYAHSLSTNSEYSQVVDLNDSA
LKPEGWDGLTMPHAQKTKADLAKMTIHESHIRDLSAWDQTVPAELRGKYLALTAQESNMVQHLKQLSASGVTHIELLPVF
DLATVNEFSDKVADIQQPFSRLCEVNSAVKSSEFAGYCDSGSTVEEVLTQLKQNDSKDNPQVQALNTLVAQTDSYNWGYD
PFHYTVPEGSYATDPEGTARIKEFRTMIQAIKQDLGMNVIMDVVYNHTNAAGPTDRTSVLDKIVPWYYQRLNETTGSVES
ATCCSDSAPEHRMFAKLIADSLAVWTTDYKIDGFRFDLMLYHPKAQILSAWERIKALNPDIYFFGEGWDSNQSDRFEIAS
QINLKGTGIGTFSDRLRDAVRGGGPFDSGDALRQNQGVGSGAGVLPNELTTLSDDQARHLADLTRLGMAGNLADFVLIDK
DGAVKRGSEIDYNGAPGGYAADPTEVVNYVSKHDNQTLWDMISYKAAQEADLDTRVRMQAVSLATVMLGQGIAFDQQGSE
LLRSKSFTRDSYDSGDWFNRVDYSLQDNNYNVGMPRSSDDGSNYDIIARVKDAVATPGETELKQMTAFYQELTALRKSSP
LFTLGDGATVMKRVDFRNTGADQQTGLLVMTIDDGMQAGASLDSRVDGIVVAINAAPESRTLQDFAGTSLQLSAIQQAAG
DRSLASGVQVAADGSVTLPAWSVAVLELPQGESQGAGLPVSSK
;
_entity_poly.pdbx_strand_id   A
#
# COMPACT_ATOMS: atom_id res chain seq x y z
N ASP A 32 25.52 -33.86 30.17
CA ASP A 32 26.09 -32.48 30.22
C ASP A 32 25.27 -31.59 31.14
N VAL A 33 25.85 -30.44 31.51
CA VAL A 33 25.18 -29.48 32.39
C VAL A 33 23.72 -29.29 32.01
N VAL A 34 22.84 -29.38 33.00
CA VAL A 34 21.41 -29.21 32.79
C VAL A 34 21.00 -27.76 33.01
N VAL A 35 20.77 -27.04 31.91
CA VAL A 35 20.37 -25.64 31.99
C VAL A 35 19.05 -25.54 32.75
N ARG A 36 18.96 -24.57 33.66
CA ARG A 36 17.75 -24.37 34.45
C ARG A 36 17.66 -22.96 35.02
N LEU A 37 16.45 -22.58 35.41
CA LEU A 37 16.21 -21.25 35.98
C LEU A 37 17.09 -20.97 37.19
N PRO A 38 17.47 -19.69 37.40
CA PRO A 38 18.30 -19.27 38.52
C PRO A 38 17.77 -19.71 39.88
N ASP A 39 18.45 -20.70 40.48
CA ASP A 39 18.06 -21.21 41.78
C ASP A 39 19.12 -20.81 42.81
N VAL A 40 20.10 -20.02 42.36
CA VAL A 40 21.18 -19.56 43.21
C VAL A 40 20.67 -18.60 44.30
N ALA A 41 20.92 -17.30 44.12
CA ALA A 41 20.49 -16.31 45.09
C ALA A 41 19.01 -15.97 44.92
N VAL A 42 18.17 -16.99 45.01
CA VAL A 42 16.73 -16.82 44.88
C VAL A 42 16.12 -16.22 46.13
N PRO A 43 15.34 -15.14 45.97
CA PRO A 43 14.68 -14.45 47.09
C PRO A 43 13.77 -15.38 47.88
N GLY A 44 13.84 -15.30 49.20
CA GLY A 44 12.99 -16.13 50.04
C GLY A 44 11.69 -15.39 50.30
N GLU A 45 10.89 -15.90 51.23
CA GLU A 45 9.62 -15.27 51.56
C GLU A 45 9.81 -14.23 52.67
N ALA A 46 9.34 -13.01 52.41
CA ALA A 46 9.46 -11.93 53.39
C ALA A 46 8.62 -12.22 54.63
N VAL A 47 7.41 -12.71 54.40
CA VAL A 47 6.50 -13.04 55.50
C VAL A 47 5.36 -13.92 55.00
N GLN A 48 4.75 -14.68 55.92
CA GLN A 48 3.63 -15.56 55.59
C GLN A 48 2.35 -15.03 56.23
N ALA A 49 1.30 -14.94 55.43
CA ALA A 49 0.01 -14.44 55.92
C ALA A 49 -0.44 -15.18 57.17
N SER A 50 -1.00 -14.44 58.12
CA SER A 50 -1.49 -15.03 59.37
C SER A 50 -2.97 -15.36 59.25
N ALA A 51 -3.66 -15.32 60.40
CA ALA A 51 -5.09 -15.62 60.43
C ALA A 51 -5.91 -14.53 59.76
N ARG A 52 -6.80 -14.94 58.85
CA ARG A 52 -7.67 -14.01 58.13
C ARG A 52 -6.90 -12.84 57.51
N GLN A 53 -5.92 -13.16 56.67
CA GLN A 53 -5.13 -12.14 56.00
C GLN A 53 -4.30 -12.76 54.87
N ALA A 54 -3.97 -11.93 53.88
CA ALA A 54 -3.17 -12.37 52.74
C ALA A 54 -2.08 -11.36 52.45
N VAL A 55 -0.87 -11.84 52.19
CA VAL A 55 0.26 -10.96 51.89
C VAL A 55 0.66 -11.06 50.42
N ILE A 56 0.97 -9.91 49.83
CA ILE A 56 1.38 -9.85 48.43
C ILE A 56 2.76 -9.22 48.31
N HIS A 57 3.68 -9.97 47.71
CA HIS A 57 5.04 -9.50 47.51
C HIS A 57 5.20 -8.90 46.12
N LEU A 58 6.08 -7.91 46.01
CA LEU A 58 6.36 -7.27 44.72
C LEU A 58 7.84 -7.44 44.47
N VAL A 59 8.22 -8.63 44.00
CA VAL A 59 9.62 -8.95 43.72
C VAL A 59 10.27 -7.89 42.85
N ASP A 60 11.23 -7.17 43.44
CA ASP A 60 11.95 -6.11 42.74
C ASP A 60 13.23 -6.68 42.13
N ILE A 61 13.15 -7.12 40.88
CA ILE A 61 14.28 -7.70 40.18
C ILE A 61 15.54 -6.85 40.27
N ALA A 62 15.36 -5.58 40.61
CA ALA A 62 16.48 -4.65 40.74
C ALA A 62 17.44 -5.11 41.83
N GLY A 63 17.08 -6.20 42.51
CA GLY A 63 17.92 -6.73 43.56
C GLY A 63 19.15 -7.43 43.00
N ILE A 64 19.37 -7.30 41.69
CA ILE A 64 20.52 -7.92 41.04
C ILE A 64 21.81 -7.38 41.64
N THR A 65 21.73 -6.22 42.28
CA THR A 65 22.89 -5.60 42.91
C THR A 65 22.58 -5.13 44.32
N SER A 66 21.54 -4.31 44.47
CA SER A 66 21.11 -3.78 45.76
C SER A 66 22.28 -3.35 46.65
N SER A 67 22.56 -2.05 46.65
CA SER A 67 23.64 -1.49 47.46
C SER A 67 23.12 -0.40 48.39
N THR A 68 21.80 -0.22 48.40
CA THR A 68 21.16 0.78 49.25
C THR A 68 19.64 0.60 49.21
N PRO A 69 18.95 0.94 50.31
CA PRO A 69 17.49 0.80 50.36
C PRO A 69 16.76 1.71 49.39
N ALA A 70 16.02 1.11 48.46
CA ALA A 70 15.26 1.86 47.48
C ALA A 70 14.03 2.48 48.15
N ASP A 71 13.33 3.33 47.42
CA ASP A 71 12.13 3.98 47.95
C ASP A 71 10.85 3.36 47.41
N TYR A 72 10.15 2.64 48.28
CA TYR A 72 8.90 2.00 47.89
C TYR A 72 7.73 2.72 48.55
N ALA A 73 7.97 3.98 48.92
CA ALA A 73 6.96 4.80 49.57
C ALA A 73 5.77 5.15 48.67
N THR A 74 6.07 5.57 47.44
CA THR A 74 5.03 5.94 46.49
C THR A 74 4.50 4.73 45.74
N LYS A 75 4.44 3.59 46.42
CA LYS A 75 3.97 2.36 45.81
C LYS A 75 2.83 1.80 46.65
N ASN A 76 1.69 1.55 46.00
CA ASN A 76 0.51 1.02 46.70
C ASN A 76 -0.27 0.03 45.86
N LEU A 77 -1.37 -0.47 46.41
CA LEU A 77 -2.22 -1.43 45.72
C LEU A 77 -3.68 -0.97 45.68
N TYR A 78 -4.40 -1.46 44.68
CA TYR A 78 -5.81 -1.12 44.52
C TYR A 78 -6.63 -2.37 44.83
N LEU A 79 -7.31 -2.35 45.96
CA LEU A 79 -8.13 -3.49 46.40
C LEU A 79 -9.62 -3.23 46.23
N TRP A 80 -10.36 -4.28 45.90
CA TRP A 80 -11.80 -4.18 45.71
C TRP A 80 -12.42 -5.58 45.69
N ASN A 81 -13.39 -5.78 46.57
CA ASN A 81 -14.07 -7.07 46.66
C ASN A 81 -15.51 -6.98 46.14
N ASN A 82 -15.77 -7.68 45.04
CA ASN A 82 -17.09 -7.67 44.42
C ASN A 82 -17.65 -9.06 44.16
N GLU A 83 -18.20 -9.25 42.96
CA GLU A 83 -18.79 -10.54 42.56
C GLU A 83 -17.88 -11.75 42.76
N THR A 84 -17.09 -12.07 41.74
CA THR A 84 -16.19 -13.20 41.77
C THR A 84 -15.41 -13.33 43.08
N CYS A 85 -14.83 -12.22 43.54
CA CYS A 85 -14.06 -12.23 44.78
C CYS A 85 -14.49 -11.12 45.73
N ASP A 86 -14.74 -11.50 46.98
CA ASP A 86 -15.17 -10.54 48.00
C ASP A 86 -14.63 -10.91 49.38
N ALA A 87 -13.39 -11.39 49.41
CA ALA A 87 -12.75 -11.79 50.67
C ALA A 87 -12.12 -10.60 51.39
N LEU A 88 -11.69 -9.60 50.63
CA LEU A 88 -11.06 -8.42 51.20
C LEU A 88 -11.92 -7.80 52.29
N SER A 89 -11.27 -7.35 53.36
CA SER A 89 -11.96 -6.72 54.48
C SER A 89 -11.62 -5.23 54.51
N ALA A 90 -12.63 -4.40 54.27
CA ALA A 90 -12.44 -2.96 54.25
C ALA A 90 -11.37 -2.57 53.23
N PRO A 91 -11.69 -2.71 51.93
CA PRO A 91 -10.77 -2.39 50.84
C PRO A 91 -10.53 -0.90 50.68
N VAL A 92 -10.02 -0.49 49.52
CA VAL A 92 -9.74 0.91 49.25
C VAL A 92 -10.94 1.60 48.62
N ALA A 93 -11.09 2.89 48.90
CA ALA A 93 -12.20 3.67 48.37
C ALA A 93 -12.02 3.97 46.88
N ASP A 94 -11.64 5.19 46.56
CA ASP A 94 -11.45 5.61 45.18
C ASP A 94 -10.07 5.27 44.63
N TRP A 95 -9.99 5.14 43.31
CA TRP A 95 -8.74 4.81 42.63
C TRP A 95 -7.66 5.85 42.91
N ASN A 96 -8.09 7.05 43.33
CA ASN A 96 -7.16 8.13 43.64
C ASN A 96 -6.54 7.96 45.02
N ASP A 97 -6.76 6.79 45.63
CA ASP A 97 -6.23 6.50 46.95
C ASP A 97 -4.81 5.94 46.84
N VAL A 98 -3.88 6.56 47.56
CA VAL A 98 -2.49 6.11 47.53
C VAL A 98 -1.93 5.94 48.95
N SER A 99 -2.75 5.42 49.85
CA SER A 99 -2.32 5.20 51.23
C SER A 99 -2.01 3.73 51.49
N THR A 100 -2.39 2.88 50.54
CA THR A 100 -2.15 1.44 50.66
C THR A 100 -0.68 1.12 50.42
N THR A 101 0.18 1.84 51.12
CA THR A 101 1.62 1.66 51.00
C THR A 101 2.10 0.34 51.61
N PRO A 102 3.33 -0.10 51.28
CA PRO A 102 3.90 -1.34 51.79
C PRO A 102 3.89 -1.46 53.31
N THR A 103 3.67 -2.67 53.80
CA THR A 103 3.66 -2.93 55.24
C THR A 103 5.13 -3.00 55.67
N GLY A 104 5.97 -3.36 54.72
CA GLY A 104 7.41 -3.46 54.96
C GLY A 104 8.10 -3.84 53.66
N SER A 105 9.43 -3.90 53.68
CA SER A 105 10.18 -4.27 52.49
C SER A 105 11.59 -4.69 52.86
N ASP A 106 12.28 -5.30 51.89
CA ASP A 106 13.65 -5.74 52.08
C ASP A 106 14.40 -5.59 50.77
N LYS A 107 15.62 -6.12 50.70
CA LYS A 107 16.41 -6.01 49.48
C LYS A 107 15.71 -6.58 48.25
N TYR A 108 14.74 -7.45 48.45
CA TYR A 108 14.02 -8.06 47.35
C TYR A 108 12.67 -7.42 47.00
N GLY A 109 12.35 -6.31 47.65
CA GLY A 109 11.09 -5.65 47.36
C GLY A 109 10.13 -5.56 48.54
N PRO A 110 9.08 -4.74 48.41
CA PRO A 110 8.08 -4.55 49.46
C PRO A 110 7.02 -5.65 49.48
N TYR A 111 6.13 -5.58 50.47
CA TYR A 111 5.05 -6.56 50.62
C TYR A 111 3.89 -5.92 51.37
N TRP A 112 2.68 -6.38 51.08
CA TRP A 112 1.48 -5.85 51.71
C TRP A 112 0.73 -6.90 52.52
N VAL A 113 0.33 -6.52 53.74
CA VAL A 113 -0.41 -7.42 54.61
C VAL A 113 -1.88 -6.98 54.54
N ILE A 114 -2.67 -7.70 53.74
CA ILE A 114 -4.08 -7.37 53.55
C ILE A 114 -5.03 -8.13 54.47
N PRO A 115 -5.89 -7.40 55.20
CA PRO A 115 -6.84 -8.02 56.11
C PRO A 115 -7.95 -8.75 55.36
N LEU A 116 -8.46 -9.83 55.93
CA LEU A 116 -9.51 -10.62 55.31
C LEU A 116 -10.65 -10.91 56.27
N THR A 117 -11.82 -11.24 55.72
CA THR A 117 -12.99 -11.55 56.52
C THR A 117 -13.06 -13.06 56.68
N LYS A 118 -12.61 -13.77 55.63
CA LYS A 118 -12.60 -15.22 55.62
C LYS A 118 -11.37 -15.71 54.86
N GLU A 119 -10.81 -16.83 55.30
CA GLU A 119 -9.62 -17.38 54.65
C GLU A 119 -10.00 -18.21 53.44
N SER A 120 -11.24 -18.05 52.98
CA SER A 120 -11.74 -18.79 51.82
C SER A 120 -12.25 -17.85 50.74
N GLY A 121 -12.15 -18.28 49.49
CA GLY A 121 -12.61 -17.45 48.38
C GLY A 121 -11.46 -16.89 47.56
N CYS A 122 -11.51 -15.59 47.30
CA CYS A 122 -10.48 -14.90 46.53
C CYS A 122 -10.59 -13.39 46.66
N ILE A 123 -9.58 -12.68 46.19
CA ILE A 123 -9.55 -11.23 46.25
C ILE A 123 -9.05 -10.60 44.96
N ASN A 124 -9.44 -9.35 44.73
CA ASN A 124 -9.03 -8.62 43.53
C ASN A 124 -7.98 -7.58 43.92
N VAL A 125 -6.91 -7.49 43.14
CA VAL A 125 -5.83 -6.54 43.41
C VAL A 125 -5.23 -5.96 42.13
N ILE A 126 -4.64 -4.78 42.26
CA ILE A 126 -3.99 -4.11 41.14
C ILE A 126 -2.73 -3.39 41.63
N VAL A 127 -1.58 -4.03 41.44
CA VAL A 127 -0.31 -3.46 41.86
C VAL A 127 -0.04 -2.18 41.07
N ARG A 128 0.19 -1.09 41.79
CA ARG A 128 0.45 0.19 41.13
C ARG A 128 1.68 0.91 41.69
N ASP A 129 1.86 2.15 41.23
CA ASP A 129 2.97 2.99 41.66
C ASP A 129 2.48 4.44 41.67
N GLY A 130 1.59 4.73 42.60
CA GLY A 130 1.04 6.07 42.70
C GLY A 130 -0.38 6.11 42.15
N THR A 131 -0.50 5.93 40.84
CA THR A 131 -1.79 5.94 40.17
C THR A 131 -1.69 5.14 38.88
N ASN A 132 -0.46 4.86 38.46
CA ASN A 132 -0.23 4.10 37.23
C ASN A 132 -0.24 2.60 37.49
N LYS A 133 -1.01 1.89 36.68
CA LYS A 133 -1.12 0.44 36.82
C LYS A 133 0.24 -0.21 36.58
N LEU A 134 0.94 -0.53 37.66
CA LEU A 134 2.25 -1.15 37.57
C LEU A 134 2.12 -2.43 36.74
N ILE A 135 0.93 -3.02 36.76
CA ILE A 135 0.63 -4.23 36.01
C ILE A 135 -0.66 -4.00 35.22
N ASP A 136 -0.69 -4.50 33.99
CA ASP A 136 -1.86 -4.35 33.13
C ASP A 136 -2.81 -5.54 33.22
N SER A 137 -3.49 -5.67 34.34
CA SER A 137 -4.44 -6.78 34.55
C SER A 137 -5.05 -6.73 35.94
N ASP A 138 -6.29 -7.22 36.06
CA ASP A 138 -6.98 -7.26 37.34
C ASP A 138 -6.68 -8.59 38.03
N LEU A 139 -5.44 -8.73 38.49
CA LEU A 139 -5.02 -9.95 39.17
C LEU A 139 -6.04 -10.40 40.22
N ARG A 140 -6.36 -11.69 40.20
CA ARG A 140 -7.32 -12.25 41.14
C ARG A 140 -6.68 -13.41 41.90
N VAL A 141 -6.29 -13.16 43.14
CA VAL A 141 -5.66 -14.18 43.98
C VAL A 141 -6.72 -15.06 44.63
N SER A 142 -6.78 -16.32 44.22
CA SER A 142 -7.73 -17.28 44.76
C SER A 142 -7.07 -18.12 45.86
N PHE A 143 -7.73 -18.19 47.01
CA PHE A 143 -7.22 -18.96 48.14
C PHE A 143 -7.33 -20.46 47.86
N SER A 144 -7.92 -20.79 46.72
CA SER A 144 -8.10 -22.19 46.34
C SER A 144 -6.82 -22.71 45.67
N ASP A 145 -6.18 -21.86 44.88
CA ASP A 145 -4.96 -22.22 44.18
C ASP A 145 -3.74 -21.96 45.07
N PHE A 146 -3.84 -20.93 45.90
CA PHE A 146 -2.77 -20.57 46.82
C PHE A 146 -3.33 -20.57 48.24
N THR A 147 -3.38 -21.76 48.83
CA THR A 147 -3.91 -21.94 50.18
C THR A 147 -3.30 -21.02 51.23
N ASP A 148 -1.97 -20.88 51.21
CA ASP A 148 -1.29 -20.04 52.20
C ASP A 148 -1.61 -18.56 52.03
N ARG A 149 -2.36 -18.23 50.97
CA ARG A 149 -2.74 -16.85 50.68
C ARG A 149 -1.54 -15.90 50.64
N THR A 150 -0.38 -16.44 50.29
CA THR A 150 0.84 -15.65 50.21
C THR A 150 1.39 -15.75 48.78
N VAL A 151 1.21 -14.68 48.00
CA VAL A 151 1.67 -14.67 46.62
C VAL A 151 2.62 -13.52 46.32
N SER A 152 3.29 -13.60 45.16
CA SER A 152 4.23 -12.58 44.72
C SER A 152 4.01 -12.24 43.25
N VAL A 153 4.08 -10.95 42.93
CA VAL A 153 3.89 -10.50 41.56
C VAL A 153 5.11 -9.75 41.03
N ILE A 154 5.07 -9.38 39.76
CA ILE A 154 6.18 -8.68 39.13
C ILE A 154 5.69 -7.50 38.29
N ALA A 155 6.56 -6.51 38.08
CA ALA A 155 6.23 -5.34 37.29
C ALA A 155 5.84 -5.72 35.86
N GLY A 156 4.54 -5.62 35.56
CA GLY A 156 4.06 -5.96 34.23
C GLY A 156 4.38 -7.39 33.83
N ASN A 157 3.72 -8.34 34.48
CA ASN A 157 3.94 -9.75 34.18
C ASN A 157 2.59 -10.47 34.07
N SER A 158 1.54 -9.81 34.55
CA SER A 158 0.19 -10.36 34.51
C SER A 158 0.19 -11.85 34.88
N ALA A 159 0.51 -12.14 36.14
CA ALA A 159 0.55 -13.51 36.63
C ALA A 159 0.73 -13.52 38.14
N VAL A 160 0.28 -14.60 38.78
CA VAL A 160 0.39 -14.73 40.23
C VAL A 160 1.21 -15.97 40.58
N TYR A 161 2.21 -15.78 41.44
CA TYR A 161 3.07 -16.88 41.87
C TYR A 161 2.90 -17.14 43.35
N ASP A 162 3.18 -18.37 43.77
CA ASP A 162 3.04 -18.76 45.16
C ASP A 162 4.28 -18.40 45.99
N SER A 163 5.21 -17.69 45.37
CA SER A 163 6.44 -17.29 46.06
C SER A 163 7.26 -16.30 45.22
N ARG A 164 8.12 -15.54 45.90
CA ARG A 164 8.98 -14.58 45.21
C ARG A 164 10.01 -15.35 44.42
N ALA A 165 10.23 -16.60 44.82
CA ALA A 165 11.19 -17.47 44.16
C ALA A 165 10.74 -17.79 42.73
N ASP A 166 9.46 -18.11 42.58
CA ASP A 166 8.89 -18.43 41.28
C ASP A 166 8.88 -17.20 40.37
N ALA A 167 8.45 -16.07 40.93
CA ALA A 167 8.39 -14.82 40.17
C ALA A 167 9.79 -14.43 39.68
N PHE A 168 10.76 -14.51 40.59
CA PHE A 168 12.14 -14.17 40.27
C PHE A 168 12.63 -14.93 39.03
N ARG A 169 12.28 -16.21 38.95
CA ARG A 169 12.69 -17.03 37.82
C ARG A 169 11.79 -16.79 36.61
N ALA A 170 10.61 -16.22 36.85
CA ALA A 170 9.66 -15.94 35.78
C ALA A 170 10.21 -14.86 34.85
N ALA A 171 11.18 -14.09 35.36
CA ALA A 171 11.78 -13.02 34.59
C ALA A 171 12.89 -13.56 33.70
N PHE A 172 13.14 -14.86 33.78
CA PHE A 172 14.18 -15.49 32.97
C PHE A 172 13.61 -16.43 31.91
N GLY A 173 12.31 -16.32 31.67
CA GLY A 173 11.66 -17.16 30.67
C GLY A 173 12.00 -16.76 29.25
N VAL A 174 11.27 -17.33 28.30
CA VAL A 174 11.49 -17.01 26.88
C VAL A 174 10.92 -15.64 26.58
N ALA A 175 11.70 -14.82 25.86
CA ALA A 175 11.26 -13.48 25.50
C ALA A 175 11.81 -13.05 24.14
N LEU A 176 10.97 -12.33 23.39
CA LEU A 176 11.34 -11.83 22.08
C LEU A 176 11.64 -12.96 21.09
N ALA A 177 12.32 -12.61 20.00
CA ALA A 177 12.68 -13.57 18.96
C ALA A 177 13.83 -13.02 18.13
N ASP A 178 14.94 -12.71 18.79
CA ASP A 178 16.10 -12.15 18.09
C ASP A 178 17.09 -13.20 17.61
N ALA A 179 16.67 -14.46 17.56
CA ALA A 179 17.52 -15.54 17.06
C ALA A 179 17.08 -15.83 15.63
N HIS A 180 18.05 -15.99 14.73
CA HIS A 180 17.75 -16.25 13.33
C HIS A 180 18.44 -17.49 12.75
N TRP A 181 17.65 -18.52 12.42
CA TRP A 181 18.18 -19.74 11.83
C TRP A 181 18.13 -19.49 10.32
N VAL A 182 19.23 -18.97 9.77
CA VAL A 182 19.31 -18.61 8.36
C VAL A 182 19.64 -19.69 7.34
N ASP A 183 20.21 -20.80 7.79
CA ASP A 183 20.50 -21.91 6.89
C ASP A 183 20.69 -23.18 7.68
N LYS A 184 20.80 -24.31 6.98
CA LYS A 184 20.94 -25.59 7.66
C LYS A 184 21.86 -25.64 8.88
N THR A 185 23.05 -25.04 8.78
CA THR A 185 23.99 -25.07 9.90
C THR A 185 24.39 -23.74 10.51
N THR A 186 23.61 -22.68 10.29
CA THR A 186 23.95 -21.38 10.86
C THR A 186 22.83 -20.72 11.65
N LEU A 187 23.20 -20.23 12.83
CA LEU A 187 22.25 -19.54 13.71
C LEU A 187 22.88 -18.23 14.14
N LEU A 188 22.21 -17.12 13.85
CA LEU A 188 22.70 -15.80 14.21
C LEU A 188 21.91 -15.30 15.43
N TRP A 189 22.61 -15.03 16.53
CA TRP A 189 21.95 -14.60 17.75
C TRP A 189 22.89 -13.81 18.68
N PRO A 190 22.53 -12.55 18.97
CA PRO A 190 23.29 -11.64 19.84
C PRO A 190 23.48 -12.16 21.27
N GLY A 191 22.40 -12.65 21.87
CA GLY A 191 22.46 -13.15 23.24
C GLY A 191 23.31 -14.39 23.44
N GLY A 192 24.02 -14.82 22.41
CA GLY A 192 24.84 -16.01 22.54
C GLY A 192 26.32 -15.70 22.65
N GLU A 193 26.69 -14.45 22.44
CA GLU A 193 28.09 -14.03 22.52
C GLU A 193 28.61 -14.23 23.94
N ASN A 194 29.78 -14.83 24.06
CA ASN A 194 30.42 -15.08 25.36
C ASN A 194 29.84 -16.29 26.10
N LYS A 195 28.55 -16.24 26.41
CA LYS A 195 27.87 -17.33 27.13
C LYS A 195 28.40 -18.71 26.74
N PRO A 196 29.18 -19.35 27.64
CA PRO A 196 29.77 -20.68 27.44
C PRO A 196 28.81 -21.74 26.92
N ILE A 197 27.54 -21.64 27.31
CA ILE A 197 26.54 -22.61 26.88
C ILE A 197 25.47 -22.02 25.98
N VAL A 198 25.60 -22.26 24.68
CA VAL A 198 24.64 -21.76 23.70
C VAL A 198 23.99 -22.97 23.02
N ARG A 199 22.68 -23.13 23.24
CA ARG A 199 21.97 -24.27 22.67
C ARG A 199 20.65 -23.92 21.97
N LEU A 200 20.20 -24.85 21.14
CA LEU A 200 18.95 -24.70 20.40
C LEU A 200 18.00 -25.82 20.82
N TYR A 201 17.08 -25.51 21.74
CA TYR A 201 16.12 -26.50 22.22
C TYR A 201 14.91 -26.60 21.29
N TYR A 202 14.15 -27.68 21.43
CA TYR A 202 12.98 -27.89 20.59
C TYR A 202 11.96 -28.87 21.18
N SER A 203 10.69 -28.61 20.90
CA SER A 203 9.59 -29.45 21.36
C SER A 203 8.59 -29.60 20.21
N HIS A 204 8.23 -30.84 19.89
CA HIS A 204 7.30 -31.12 18.80
C HIS A 204 5.90 -30.57 18.99
N SER A 205 5.24 -30.96 20.08
CA SER A 205 3.88 -30.52 20.33
C SER A 205 3.73 -29.64 21.56
N SER A 206 4.85 -29.29 22.18
CA SER A 206 4.79 -28.46 23.38
C SER A 206 5.58 -27.16 23.29
N LYS A 207 5.38 -26.30 24.28
CA LYS A 207 6.07 -25.02 24.36
C LYS A 207 7.18 -25.13 25.39
N VAL A 208 8.43 -25.09 24.93
CA VAL A 208 9.57 -25.20 25.85
C VAL A 208 9.46 -24.15 26.95
N ALA A 209 9.92 -24.51 28.14
CA ALA A 209 9.87 -23.59 29.28
C ALA A 209 10.75 -24.09 30.42
N ALA A 210 10.13 -24.85 31.33
CA ALA A 210 10.85 -25.39 32.49
C ALA A 210 9.92 -26.26 33.31
N ASP A 211 10.32 -27.51 33.55
CA ASP A 211 9.51 -28.43 34.34
C ASP A 211 9.30 -27.90 35.75
N SER A 212 8.45 -28.58 36.50
CA SER A 212 8.14 -28.19 37.88
C SER A 212 9.39 -27.97 38.72
N ASN A 213 10.47 -28.67 38.35
CA ASN A 213 11.74 -28.56 39.06
C ASN A 213 12.57 -27.39 38.55
N GLY A 214 11.95 -26.57 37.70
CA GLY A 214 12.64 -25.41 37.15
C GLY A 214 13.83 -25.77 36.29
N GLU A 215 13.69 -26.81 35.47
CA GLU A 215 14.77 -27.24 34.59
C GLU A 215 14.30 -27.30 33.14
N PHE A 216 15.26 -27.33 32.21
CA PHE A 216 14.95 -27.39 30.79
C PHE A 216 15.28 -28.79 30.26
N SER A 217 14.31 -29.69 30.37
CA SER A 217 14.45 -31.07 29.95
C SER A 217 14.54 -31.30 28.44
N ASP A 218 13.56 -30.78 27.71
CA ASP A 218 13.49 -30.92 26.26
C ASP A 218 14.83 -31.12 25.57
N LYS A 219 14.82 -31.89 24.49
CA LYS A 219 16.03 -32.16 23.73
C LYS A 219 16.56 -30.88 23.10
N TYR A 220 17.78 -30.91 22.59
CA TYR A 220 18.39 -29.74 21.97
C TYR A 220 19.61 -30.10 21.14
N VAL A 221 20.14 -29.11 20.44
CA VAL A 221 21.33 -29.28 19.61
C VAL A 221 22.38 -28.27 20.04
N LYS A 222 23.51 -28.77 20.53
CA LYS A 222 24.60 -27.91 20.98
C LYS A 222 25.15 -27.02 19.88
N LEU A 223 25.25 -25.73 20.19
CA LEU A 223 25.77 -24.74 19.25
C LEU A 223 27.20 -24.35 19.59
N THR A 224 28.00 -24.10 18.57
CA THR A 224 29.40 -23.71 18.76
C THR A 224 29.72 -22.47 17.93
N PRO A 225 30.33 -21.46 18.56
CA PRO A 225 30.70 -20.21 17.87
C PRO A 225 31.39 -20.44 16.52
N THR A 226 31.08 -19.58 15.56
CA THR A 226 31.68 -19.67 14.23
C THR A 226 31.61 -18.32 13.53
N THR A 227 32.13 -18.24 12.32
CA THR A 227 32.13 -16.99 11.56
C THR A 227 31.13 -17.06 10.41
N VAL A 228 30.22 -16.09 10.36
CA VAL A 228 29.19 -16.05 9.33
C VAL A 228 29.78 -16.19 7.92
N ASN A 229 29.37 -17.25 7.23
CA ASN A 229 29.87 -17.51 5.88
C ASN A 229 29.46 -16.41 4.91
N GLN A 230 30.10 -16.42 3.74
CA GLN A 230 29.84 -15.43 2.71
C GLN A 230 28.44 -15.59 2.11
N GLN A 231 27.91 -16.81 2.17
CA GLN A 231 26.59 -17.09 1.63
C GLN A 231 25.49 -16.40 2.43
N VAL A 232 25.60 -16.45 3.75
CA VAL A 232 24.63 -15.83 4.64
C VAL A 232 24.72 -14.30 4.64
N SER A 233 25.94 -13.78 4.60
CA SER A 233 26.14 -12.33 4.61
C SER A 233 25.51 -11.69 3.38
N MET A 234 25.61 -12.37 2.24
CA MET A 234 25.04 -11.88 0.99
C MET A 234 23.53 -11.96 0.97
N ARG A 235 22.99 -13.00 1.60
CA ARG A 235 21.54 -13.20 1.65
C ARG A 235 20.87 -12.26 2.65
N PHE A 236 21.52 -12.05 3.80
CA PHE A 236 20.98 -11.18 4.84
C PHE A 236 22.01 -10.20 5.39
N PRO A 237 22.41 -9.21 4.58
CA PRO A 237 23.40 -8.20 4.97
C PRO A 237 23.11 -7.52 6.30
N HIS A 238 21.83 -7.27 6.57
CA HIS A 238 21.41 -6.61 7.80
C HIS A 238 21.66 -7.42 9.06
N LEU A 239 22.02 -8.70 8.90
CA LEU A 239 22.28 -9.57 10.05
C LEU A 239 23.75 -10.01 10.05
N ALA A 240 24.49 -9.60 9.03
CA ALA A 240 25.89 -9.97 8.88
C ALA A 240 26.77 -9.73 10.10
N SER A 241 26.39 -8.77 10.95
CA SER A 241 27.19 -8.47 12.13
C SER A 241 26.73 -9.19 13.39
N TYR A 242 25.73 -10.07 13.25
CA TYR A 242 25.23 -10.83 14.39
C TYR A 242 26.19 -11.94 14.78
N PRO A 243 26.28 -12.26 16.08
CA PRO A 243 27.17 -13.34 16.51
C PRO A 243 26.67 -14.65 15.90
N ALA A 244 27.53 -15.34 15.16
CA ALA A 244 27.14 -16.58 14.50
C ALA A 244 27.44 -17.84 15.31
N PHE A 245 26.70 -18.90 15.01
CA PHE A 245 26.84 -20.18 15.68
C PHE A 245 26.64 -21.30 14.67
N LYS A 246 27.37 -22.40 14.84
CA LYS A 246 27.30 -23.53 13.92
C LYS A 246 26.57 -24.74 14.48
N LEU A 247 25.84 -25.43 13.62
CA LEU A 247 25.08 -26.62 13.99
C LEU A 247 25.73 -27.86 13.37
N PRO A 248 25.67 -29.01 14.06
CA PRO A 248 26.27 -30.23 13.51
C PRO A 248 25.59 -30.60 12.19
N ASP A 249 26.30 -31.31 11.33
CA ASP A 249 25.76 -31.71 10.03
C ASP A 249 24.68 -32.77 10.11
N ASP A 250 24.76 -33.65 11.10
CA ASP A 250 23.79 -34.73 11.26
C ASP A 250 22.51 -34.30 11.98
N VAL A 251 22.22 -33.00 11.95
CA VAL A 251 21.02 -32.50 12.60
C VAL A 251 19.80 -32.69 11.70
N ASN A 252 18.73 -33.23 12.28
CA ASN A 252 17.51 -33.48 11.52
C ASN A 252 16.69 -32.18 11.48
N VAL A 253 17.05 -31.30 10.56
CA VAL A 253 16.36 -30.02 10.41
C VAL A 253 14.86 -30.16 10.24
N ASP A 254 14.43 -31.03 9.34
CA ASP A 254 13.02 -31.24 9.07
C ASP A 254 12.21 -31.48 10.34
N GLU A 255 12.74 -32.30 11.25
CA GLU A 255 12.04 -32.61 12.48
C GLU A 255 11.97 -31.42 13.44
N LEU A 256 13.06 -30.65 13.52
CA LEU A 256 13.07 -29.49 14.40
C LEU A 256 12.10 -28.43 13.90
N LEU A 257 11.92 -28.34 12.59
CA LEU A 257 11.03 -27.36 12.00
C LEU A 257 9.55 -27.73 12.10
N GLN A 258 9.26 -28.91 12.65
CA GLN A 258 7.88 -29.38 12.81
C GLN A 258 7.22 -28.75 14.04
N GLY A 259 8.02 -28.22 14.95
CA GLY A 259 7.47 -27.62 16.15
C GLY A 259 8.15 -26.32 16.54
N GLU A 260 8.19 -26.03 17.83
CA GLU A 260 8.83 -24.81 18.31
C GLU A 260 10.31 -25.03 18.58
N THR A 261 11.10 -23.99 18.32
CA THR A 261 12.54 -24.02 18.55
C THR A 261 12.92 -22.76 19.30
N VAL A 262 13.69 -22.92 20.38
CA VAL A 262 14.11 -21.78 21.18
C VAL A 262 15.61 -21.78 21.44
N ALA A 263 16.22 -20.62 21.25
CA ALA A 263 17.66 -20.47 21.48
C ALA A 263 17.87 -20.11 22.95
N ILE A 264 18.82 -20.81 23.58
CA ILE A 264 19.11 -20.57 24.99
C ILE A 264 20.59 -20.43 25.24
N ALA A 265 20.93 -19.54 26.17
CA ALA A 265 22.33 -19.30 26.53
C ALA A 265 22.49 -19.46 28.04
N ALA A 266 23.63 -19.98 28.46
CA ALA A 266 23.89 -20.19 29.88
C ALA A 266 25.38 -20.08 30.21
N GLU A 267 25.68 -19.68 31.44
CA GLU A 267 27.07 -19.54 31.88
C GLU A 267 27.76 -20.89 31.97
N SER A 268 29.01 -20.89 32.42
CA SER A 268 29.79 -22.12 32.54
C SER A 268 29.14 -23.11 33.49
N ASP A 269 28.53 -22.62 34.56
CA ASP A 269 27.89 -23.49 35.53
C ASP A 269 26.63 -24.12 34.97
N GLY A 270 26.04 -23.48 33.97
CA GLY A 270 24.84 -24.00 33.35
C GLY A 270 23.59 -23.19 33.68
N ILE A 271 23.79 -21.95 34.12
CA ILE A 271 22.68 -21.07 34.47
C ILE A 271 22.23 -20.28 33.24
N LEU A 272 20.94 -20.33 32.95
CA LEU A 272 20.38 -19.63 31.80
C LEU A 272 20.29 -18.13 31.99
N SER A 273 20.81 -17.39 31.01
CA SER A 273 20.79 -15.93 31.06
C SER A 273 19.64 -15.39 30.21
N SER A 274 19.35 -16.06 29.09
CA SER A 274 18.25 -15.63 28.22
C SER A 274 17.80 -16.73 27.26
N ALA A 275 16.53 -16.66 26.87
CA ALA A 275 15.95 -17.62 25.94
C ALA A 275 15.01 -16.86 25.01
N THR A 276 15.20 -17.03 23.70
CA THR A 276 14.37 -16.33 22.72
C THR A 276 13.88 -17.24 21.60
N GLN A 277 12.77 -16.85 20.98
CA GLN A 277 12.20 -17.63 19.87
C GLN A 277 13.08 -17.50 18.63
N VAL A 278 12.88 -18.38 17.65
CA VAL A 278 13.68 -18.37 16.44
C VAL A 278 12.90 -18.08 15.16
N GLN A 279 13.47 -17.23 14.32
CA GLN A 279 12.87 -16.88 13.02
C GLN A 279 13.54 -17.85 12.04
N THR A 280 12.74 -18.67 11.40
CA THR A 280 13.23 -19.72 10.50
C THR A 280 13.08 -19.54 8.99
N ALA A 281 12.62 -18.38 8.54
CA ALA A 281 12.44 -18.17 7.11
C ALA A 281 13.70 -18.50 6.31
N GLY A 282 14.87 -18.18 6.86
CA GLY A 282 16.12 -18.45 6.18
C GLY A 282 16.42 -19.91 5.93
N VAL A 283 16.29 -20.74 6.96
CA VAL A 283 16.58 -22.17 6.80
C VAL A 283 15.48 -22.84 5.96
N LEU A 284 14.28 -22.30 5.99
CA LEU A 284 13.19 -22.88 5.20
C LEU A 284 13.56 -22.79 3.73
N ASP A 285 14.08 -21.64 3.31
CA ASP A 285 14.48 -21.45 1.92
C ASP A 285 15.68 -22.32 1.58
N ASP A 286 16.68 -22.34 2.46
CA ASP A 286 17.88 -23.12 2.23
C ASP A 286 17.58 -24.61 2.13
N THR A 287 16.56 -25.06 2.86
CA THR A 287 16.20 -26.47 2.87
C THR A 287 15.19 -26.92 1.81
N TYR A 288 14.11 -26.17 1.65
CA TYR A 288 13.03 -26.54 0.73
C TYR A 288 12.80 -25.77 -0.57
N ALA A 289 13.19 -24.50 -0.61
CA ALA A 289 12.94 -23.64 -1.76
C ALA A 289 13.21 -24.18 -3.16
N ALA A 290 14.43 -24.66 -3.43
CA ALA A 290 14.75 -25.16 -4.76
C ALA A 290 13.79 -26.27 -5.21
N ALA A 291 13.57 -27.24 -4.35
CA ALA A 291 12.68 -28.36 -4.67
C ALA A 291 11.25 -27.89 -4.83
N ALA A 292 10.84 -26.96 -3.98
CA ALA A 292 9.47 -26.43 -4.00
C ALA A 292 9.21 -25.53 -5.21
N GLU A 293 10.25 -24.81 -5.65
CA GLU A 293 10.14 -23.92 -6.79
C GLU A 293 9.84 -24.68 -8.09
N ALA A 294 10.26 -25.94 -8.13
CA ALA A 294 10.10 -26.78 -9.31
C ALA A 294 8.69 -27.33 -9.51
N LEU A 295 7.80 -27.08 -8.55
CA LEU A 295 6.43 -27.60 -8.64
C LEU A 295 5.40 -26.51 -8.92
N SER A 296 4.19 -26.93 -9.27
CA SER A 296 3.07 -26.02 -9.53
C SER A 296 2.04 -26.17 -8.42
N TYR A 297 1.37 -25.08 -8.05
CA TYR A 297 0.43 -25.10 -6.93
C TYR A 297 -1.03 -24.74 -7.23
N GLY A 298 -1.90 -25.02 -6.26
CA GLY A 298 -3.33 -24.73 -6.40
C GLY A 298 -4.12 -25.98 -6.77
N ALA A 299 -5.38 -25.79 -7.14
CA ALA A 299 -6.25 -26.90 -7.55
C ALA A 299 -6.13 -26.95 -9.07
N GLN A 300 -5.21 -27.77 -9.54
CA GLN A 300 -4.92 -27.88 -10.97
C GLN A 300 -5.78 -28.90 -11.68
N LEU A 301 -6.85 -28.40 -12.27
CA LEU A 301 -7.83 -29.21 -12.97
C LEU A 301 -7.65 -29.27 -14.47
N THR A 302 -7.67 -30.49 -15.00
CA THR A 302 -7.58 -30.71 -16.44
C THR A 302 -8.93 -31.33 -16.75
N ASP A 303 -9.11 -31.86 -17.96
CA ASP A 303 -10.39 -32.49 -18.26
C ASP A 303 -10.26 -34.00 -18.02
N SER A 304 -9.14 -34.39 -17.40
CA SER A 304 -8.88 -35.79 -17.10
C SER A 304 -8.49 -36.05 -15.64
N GLY A 305 -8.69 -35.06 -14.78
CA GLY A 305 -8.36 -35.22 -13.38
C GLY A 305 -7.94 -33.92 -12.71
N VAL A 306 -7.64 -33.98 -11.42
CA VAL A 306 -7.22 -32.79 -10.68
C VAL A 306 -6.13 -33.14 -9.68
N THR A 307 -5.20 -32.20 -9.51
CA THR A 307 -4.09 -32.36 -8.57
C THR A 307 -4.02 -31.11 -7.69
N PHE A 308 -4.21 -31.30 -6.39
CA PHE A 308 -4.15 -30.20 -5.44
C PHE A 308 -2.73 -30.19 -4.84
N ARG A 309 -2.14 -29.01 -4.68
CA ARG A 309 -0.83 -28.89 -4.07
C ARG A 309 -0.69 -27.56 -3.32
N VAL A 310 -0.21 -27.63 -2.09
CA VAL A 310 -0.01 -26.44 -1.25
C VAL A 310 1.34 -26.58 -0.54
N TRP A 311 2.12 -25.50 -0.48
CA TRP A 311 3.42 -25.55 0.19
C TRP A 311 3.24 -25.24 1.69
N ALA A 312 3.65 -26.18 2.54
CA ALA A 312 3.53 -26.04 3.99
C ALA A 312 4.60 -26.92 4.65
N PRO A 313 5.87 -26.53 4.50
CA PRO A 313 7.05 -27.24 5.04
C PRO A 313 7.14 -27.46 6.54
N THR A 314 6.42 -26.67 7.33
CA THR A 314 6.47 -26.82 8.79
C THR A 314 5.23 -27.49 9.38
N ALA A 315 4.19 -27.68 8.58
CA ALA A 315 2.96 -28.30 9.06
C ALA A 315 3.15 -29.75 9.49
N GLN A 316 2.41 -30.16 10.51
CA GLN A 316 2.47 -31.52 11.02
C GLN A 316 1.46 -32.39 10.28
N GLN A 317 0.36 -31.76 9.86
CA GLN A 317 -0.69 -32.46 9.13
C GLN A 317 -1.43 -31.47 8.23
N VAL A 318 -1.91 -31.97 7.10
CA VAL A 318 -2.68 -31.15 6.17
C VAL A 318 -3.72 -32.06 5.53
N GLU A 319 -4.99 -31.66 5.60
CA GLU A 319 -6.06 -32.44 4.99
C GLU A 319 -6.85 -31.57 4.01
N LEU A 320 -7.27 -32.17 2.90
CA LEU A 320 -8.05 -31.47 1.88
C LEU A 320 -9.53 -31.68 2.19
N VAL A 321 -10.24 -30.60 2.53
CA VAL A 321 -11.66 -30.71 2.87
C VAL A 321 -12.53 -30.24 1.70
N ILE A 322 -13.35 -31.16 1.19
CA ILE A 322 -14.23 -30.85 0.06
C ILE A 322 -15.64 -30.52 0.56
N TYR A 323 -16.20 -29.42 0.06
CA TYR A 323 -17.54 -28.98 0.46
C TYR A 323 -18.54 -28.95 -0.69
N SER A 324 -19.80 -29.18 -0.36
CA SER A 324 -20.87 -29.15 -1.35
C SER A 324 -21.20 -27.69 -1.60
N ALA A 325 -22.10 -27.42 -2.55
CA ALA A 325 -22.48 -26.05 -2.86
C ALA A 325 -23.06 -25.37 -1.61
N ASP A 326 -23.77 -26.15 -0.79
CA ASP A 326 -24.38 -25.62 0.42
C ASP A 326 -23.41 -25.59 1.60
N LYS A 327 -22.14 -25.82 1.30
CA LYS A 327 -21.06 -25.79 2.29
C LYS A 327 -21.14 -26.84 3.40
N LYS A 328 -21.45 -28.07 3.02
CA LYS A 328 -21.50 -29.20 3.95
C LYS A 328 -20.28 -30.03 3.60
N VAL A 329 -19.59 -30.57 4.61
CA VAL A 329 -18.40 -31.38 4.34
C VAL A 329 -18.76 -32.66 3.61
N ILE A 330 -18.20 -32.84 2.42
CA ILE A 330 -18.45 -34.03 1.62
C ILE A 330 -17.38 -35.07 1.93
N ALA A 331 -16.17 -34.59 2.18
CA ALA A 331 -15.06 -35.47 2.49
C ALA A 331 -13.85 -34.69 2.98
N SER A 332 -12.98 -35.37 3.72
CA SER A 332 -11.76 -34.78 4.24
C SER A 332 -10.65 -35.78 3.92
N HIS A 333 -9.75 -35.42 3.01
CA HIS A 333 -8.67 -36.30 2.59
C HIS A 333 -7.29 -35.96 3.13
N PRO A 334 -6.66 -36.87 3.89
CA PRO A 334 -5.33 -36.52 4.38
C PRO A 334 -4.44 -36.40 3.14
N MET A 335 -3.62 -35.35 3.07
CA MET A 335 -2.76 -35.17 1.90
C MET A 335 -1.42 -35.89 2.03
N THR A 336 -0.69 -35.96 0.93
CA THR A 336 0.61 -36.63 0.89
C THR A 336 1.75 -35.62 0.86
N ARG A 337 2.64 -35.71 1.85
CA ARG A 337 3.76 -34.78 1.96
C ARG A 337 5.00 -35.23 1.18
N ASP A 338 5.60 -34.29 0.46
CA ASP A 338 6.82 -34.55 -0.30
C ASP A 338 7.95 -34.06 0.59
N SER A 339 8.81 -34.97 1.04
CA SER A 339 9.91 -34.64 1.94
C SER A 339 10.92 -33.62 1.42
N ALA A 340 11.27 -33.70 0.14
CA ALA A 340 12.24 -32.78 -0.42
C ALA A 340 11.78 -31.33 -0.53
N SER A 341 10.51 -31.14 -0.87
CA SER A 341 9.94 -29.80 -1.06
C SER A 341 9.16 -29.24 0.13
N GLY A 342 8.54 -30.11 0.90
CA GLY A 342 7.74 -29.64 2.02
C GLY A 342 6.35 -29.28 1.54
N ALA A 343 6.02 -29.69 0.31
CA ALA A 343 4.71 -29.43 -0.28
C ALA A 343 3.80 -30.65 -0.05
N TRP A 344 2.49 -30.42 -0.04
CA TRP A 344 1.52 -31.49 0.16
C TRP A 344 0.61 -31.56 -1.06
N SER A 345 0.25 -32.78 -1.48
CA SER A 345 -0.61 -32.93 -2.65
C SER A 345 -1.66 -34.04 -2.49
N TRP A 346 -2.65 -34.02 -3.39
CA TRP A 346 -3.71 -35.02 -3.41
C TRP A 346 -4.27 -35.03 -4.82
N GLN A 347 -4.41 -36.21 -5.41
CA GLN A 347 -4.91 -36.33 -6.78
C GLN A 347 -6.29 -37.01 -6.84
N GLY A 348 -7.21 -36.40 -7.57
CA GLY A 348 -8.55 -36.95 -7.70
C GLY A 348 -9.07 -36.93 -9.13
N GLY A 349 -10.37 -37.18 -9.29
CA GLY A 349 -10.96 -37.21 -10.62
C GLY A 349 -11.52 -35.88 -11.10
N SER A 350 -11.81 -35.81 -12.40
CA SER A 350 -12.34 -34.59 -13.00
C SER A 350 -13.71 -34.19 -12.45
N ASP A 351 -14.33 -35.10 -11.71
CA ASP A 351 -15.65 -34.83 -11.14
C ASP A 351 -15.59 -33.75 -10.04
N LEU A 352 -14.38 -33.40 -9.60
CA LEU A 352 -14.23 -32.39 -8.56
C LEU A 352 -14.29 -30.96 -9.14
N LYS A 353 -14.47 -30.85 -10.45
CA LYS A 353 -14.57 -29.55 -11.08
C LYS A 353 -15.71 -28.79 -10.42
N GLY A 354 -15.45 -27.55 -10.01
CA GLY A 354 -16.47 -26.74 -9.38
C GLY A 354 -16.68 -26.91 -7.89
N ALA A 355 -16.01 -27.89 -7.29
CA ALA A 355 -16.17 -28.14 -5.85
C ALA A 355 -15.49 -27.06 -5.02
N PHE A 356 -16.01 -26.86 -3.80
CA PHE A 356 -15.43 -25.88 -2.88
C PHE A 356 -14.50 -26.63 -1.96
N TYR A 357 -13.44 -25.97 -1.51
CA TYR A 357 -12.47 -26.63 -0.64
C TYR A 357 -11.65 -25.69 0.22
N ARG A 358 -11.02 -26.26 1.24
CA ARG A 358 -10.13 -25.55 2.13
C ARG A 358 -9.11 -26.57 2.61
N TYR A 359 -8.01 -26.09 3.17
CA TYR A 359 -6.97 -26.97 3.67
C TYR A 359 -7.01 -26.96 5.19
N ALA A 360 -7.19 -28.13 5.81
CA ALA A 360 -7.22 -28.22 7.26
C ALA A 360 -5.76 -28.34 7.70
N MET A 361 -5.29 -27.31 8.40
CA MET A 361 -3.92 -27.24 8.85
C MET A 361 -3.71 -27.58 10.32
N THR A 362 -2.61 -28.25 10.60
CA THR A 362 -2.19 -28.57 11.96
C THR A 362 -0.76 -28.09 11.92
N VAL A 363 -0.54 -26.85 12.36
CA VAL A 363 0.79 -26.26 12.29
C VAL A 363 1.10 -25.34 13.47
N TYR A 364 2.38 -25.31 13.84
CA TYR A 364 2.85 -24.48 14.94
C TYR A 364 3.00 -23.02 14.48
N HIS A 365 2.39 -22.09 15.21
CA HIS A 365 2.49 -20.68 14.86
C HIS A 365 3.28 -20.00 15.98
N PRO A 366 4.47 -19.45 15.66
CA PRO A 366 5.34 -18.78 16.63
C PRO A 366 4.71 -17.62 17.40
N GLN A 367 3.79 -16.90 16.78
CA GLN A 367 3.15 -15.78 17.45
C GLN A 367 2.31 -16.21 18.66
N SER A 368 1.63 -17.34 18.55
CA SER A 368 0.81 -17.85 19.63
C SER A 368 1.52 -18.96 20.41
N ARG A 369 2.61 -19.46 19.85
CA ARG A 369 3.41 -20.52 20.47
C ARG A 369 2.63 -21.81 20.69
N LYS A 370 1.73 -22.13 19.77
CA LYS A 370 0.96 -23.36 19.90
C LYS A 370 0.71 -24.01 18.54
N VAL A 371 0.41 -25.29 18.56
CA VAL A 371 0.13 -26.03 17.33
C VAL A 371 -1.32 -25.74 16.97
N GLU A 372 -1.52 -24.78 16.08
CA GLU A 372 -2.86 -24.38 15.66
C GLU A 372 -3.54 -25.43 14.78
N GLN A 373 -4.87 -25.37 14.77
CA GLN A 373 -5.69 -26.26 13.96
C GLN A 373 -6.80 -25.40 13.36
N TYR A 374 -6.75 -25.21 12.04
CA TYR A 374 -7.75 -24.39 11.36
C TYR A 374 -7.82 -24.67 9.86
N GLU A 375 -8.93 -24.28 9.26
CA GLU A 375 -9.12 -24.46 7.81
C GLU A 375 -8.81 -23.14 7.11
N VAL A 376 -8.01 -23.21 6.05
CA VAL A 376 -7.61 -22.02 5.31
C VAL A 376 -7.86 -22.17 3.81
N THR A 377 -8.18 -21.06 3.14
CA THR A 377 -8.40 -21.08 1.70
C THR A 377 -7.04 -21.19 1.01
N ASP A 378 -7.07 -21.53 -0.27
CA ASP A 378 -5.86 -21.71 -1.08
C ASP A 378 -5.19 -20.40 -1.49
N PRO A 379 -3.91 -20.21 -1.14
CA PRO A 379 -3.23 -18.98 -1.52
C PRO A 379 -3.14 -18.87 -3.05
N TYR A 380 -3.21 -20.02 -3.73
CA TYR A 380 -3.19 -20.06 -5.19
C TYR A 380 -4.61 -20.24 -5.74
N ALA A 381 -5.60 -19.91 -4.92
CA ALA A 381 -7.00 -20.02 -5.35
C ALA A 381 -7.22 -19.27 -6.66
N HIS A 382 -8.08 -19.81 -7.53
CA HIS A 382 -8.39 -19.15 -8.79
C HIS A 382 -9.88 -18.88 -8.92
N SER A 383 -10.63 -19.31 -7.91
CA SER A 383 -12.07 -19.07 -7.84
C SER A 383 -12.47 -19.14 -6.36
N LEU A 384 -13.54 -18.44 -5.99
CA LEU A 384 -13.97 -18.40 -4.59
C LEU A 384 -15.47 -18.34 -4.42
N SER A 385 -15.93 -18.62 -3.21
CA SER A 385 -17.35 -18.52 -2.88
C SER A 385 -17.54 -17.08 -2.41
N THR A 386 -18.76 -16.71 -2.06
CA THR A 386 -19.05 -15.35 -1.60
C THR A 386 -18.22 -14.95 -0.38
N ASN A 387 -17.61 -13.78 -0.46
CA ASN A 387 -16.76 -13.22 0.60
C ASN A 387 -15.48 -14.01 0.86
N SER A 388 -15.08 -14.81 -0.13
CA SER A 388 -13.83 -15.59 -0.07
C SER A 388 -13.75 -16.63 1.05
N GLU A 389 -14.89 -17.15 1.51
CA GLU A 389 -14.86 -18.14 2.59
C GLU A 389 -14.30 -19.49 2.20
N TYR A 390 -14.50 -19.88 0.95
CA TYR A 390 -14.01 -21.17 0.44
C TYR A 390 -13.39 -20.98 -0.93
N SER A 391 -12.36 -21.77 -1.25
CA SER A 391 -11.76 -21.68 -2.58
C SER A 391 -12.57 -22.63 -3.47
N GLN A 392 -12.39 -22.54 -4.78
CA GLN A 392 -13.15 -23.40 -5.68
C GLN A 392 -12.29 -23.92 -6.83
N VAL A 393 -12.48 -25.19 -7.17
CA VAL A 393 -11.74 -25.83 -8.26
C VAL A 393 -12.23 -25.29 -9.60
N VAL A 394 -11.32 -24.77 -10.41
CA VAL A 394 -11.69 -24.22 -11.70
C VAL A 394 -10.61 -24.36 -12.76
N ASP A 395 -11.03 -24.44 -14.03
CA ASP A 395 -10.12 -24.51 -15.17
C ASP A 395 -10.42 -23.21 -15.93
N LEU A 396 -9.56 -22.22 -15.78
CA LEU A 396 -9.76 -20.93 -16.43
C LEU A 396 -9.81 -21.03 -17.95
N ASN A 397 -9.39 -22.17 -18.50
CA ASN A 397 -9.40 -22.37 -19.96
C ASN A 397 -10.79 -22.75 -20.48
N ASP A 398 -11.69 -23.14 -19.59
CA ASP A 398 -13.04 -23.55 -19.97
C ASP A 398 -13.76 -22.49 -20.82
N SER A 399 -14.33 -22.92 -21.94
CA SER A 399 -15.05 -22.02 -22.84
C SER A 399 -16.27 -21.36 -22.20
N ALA A 400 -16.86 -22.03 -21.21
CA ALA A 400 -18.02 -21.51 -20.51
C ALA A 400 -17.68 -20.27 -19.66
N LEU A 401 -16.40 -20.09 -19.37
CA LEU A 401 -15.94 -18.95 -18.57
C LEU A 401 -15.38 -17.84 -19.43
N LYS A 402 -15.61 -17.90 -20.74
CA LYS A 402 -15.07 -16.90 -21.66
C LYS A 402 -16.15 -16.27 -22.52
N PRO A 403 -16.08 -14.94 -22.72
CA PRO A 403 -17.09 -14.32 -23.57
C PRO A 403 -16.81 -14.70 -25.02
N GLU A 404 -17.81 -14.59 -25.88
CA GLU A 404 -17.65 -14.94 -27.29
C GLU A 404 -16.45 -14.23 -27.94
N GLY A 405 -15.56 -15.01 -28.56
CA GLY A 405 -14.41 -14.43 -29.22
C GLY A 405 -13.22 -14.05 -28.36
N TRP A 406 -13.26 -14.40 -27.08
CA TRP A 406 -12.17 -14.07 -26.16
C TRP A 406 -10.77 -14.45 -26.63
N ASP A 407 -10.56 -15.71 -27.02
CA ASP A 407 -9.24 -16.16 -27.44
C ASP A 407 -8.59 -15.31 -28.54
N GLY A 408 -9.40 -14.63 -29.35
CA GLY A 408 -8.84 -13.81 -30.41
C GLY A 408 -8.65 -12.34 -30.06
N LEU A 409 -8.93 -11.96 -28.82
CA LEU A 409 -8.78 -10.56 -28.40
C LEU A 409 -7.37 -10.02 -28.61
N THR A 410 -7.26 -8.90 -29.32
CA THR A 410 -5.96 -8.29 -29.60
C THR A 410 -5.77 -6.98 -28.81
N MET A 411 -4.51 -6.63 -28.58
CA MET A 411 -4.16 -5.40 -27.85
C MET A 411 -4.26 -4.24 -28.84
N PRO A 412 -5.18 -3.28 -28.59
CA PRO A 412 -5.35 -2.14 -29.49
C PRO A 412 -4.15 -1.21 -29.65
N HIS A 413 -3.29 -1.14 -28.64
CA HIS A 413 -2.11 -0.29 -28.72
C HIS A 413 -0.82 -1.08 -28.57
N ALA A 414 0.17 -0.75 -29.40
CA ALA A 414 1.46 -1.43 -29.39
C ALA A 414 2.31 -1.04 -28.18
N GLN A 415 3.12 -1.98 -27.70
CA GLN A 415 4.02 -1.80 -26.56
C GLN A 415 5.36 -2.51 -26.81
N LYS A 416 5.72 -2.66 -28.08
CA LYS A 416 6.95 -3.35 -28.44
C LYS A 416 8.22 -2.52 -28.35
N THR A 417 8.26 -1.40 -29.08
CA THR A 417 9.44 -0.53 -29.08
C THR A 417 9.28 0.59 -28.05
N LYS A 418 10.37 1.30 -27.74
CA LYS A 418 10.28 2.39 -26.78
C LYS A 418 9.36 3.48 -27.33
N ALA A 419 9.40 3.69 -28.64
CA ALA A 419 8.54 4.67 -29.28
C ALA A 419 7.08 4.28 -29.06
N ASP A 420 6.78 2.99 -29.15
CA ASP A 420 5.42 2.49 -28.91
C ASP A 420 5.01 2.79 -27.47
N LEU A 421 5.89 2.43 -26.53
CA LEU A 421 5.64 2.63 -25.10
C LEU A 421 5.41 4.08 -24.70
N ALA A 422 6.18 4.99 -25.28
CA ALA A 422 6.08 6.41 -24.97
C ALA A 422 4.71 7.03 -25.28
N LYS A 423 3.97 6.39 -26.18
CA LYS A 423 2.65 6.89 -26.53
C LYS A 423 1.63 6.58 -25.45
N MET A 424 2.02 5.75 -24.48
CA MET A 424 1.13 5.37 -23.39
C MET A 424 0.58 6.61 -22.69
N THR A 425 -0.74 6.67 -22.59
CA THR A 425 -1.46 7.79 -21.96
C THR A 425 -2.53 7.13 -21.09
N ILE A 426 -2.27 7.09 -19.79
CA ILE A 426 -3.11 6.40 -18.82
C ILE A 426 -4.22 7.16 -18.09
N HIS A 427 -5.37 6.49 -17.94
CA HIS A 427 -6.54 7.03 -17.26
C HIS A 427 -6.80 6.10 -16.08
N GLU A 428 -6.33 6.50 -14.89
CA GLU A 428 -6.46 5.70 -13.66
C GLU A 428 -7.88 5.74 -13.11
N SER A 429 -8.58 4.61 -13.19
CA SER A 429 -9.99 4.52 -12.78
C SER A 429 -10.30 3.49 -11.69
N HIS A 430 -11.50 3.62 -11.12
CA HIS A 430 -12.01 2.75 -10.05
C HIS A 430 -13.41 2.27 -10.47
N ILE A 431 -13.70 0.98 -10.25
CA ILE A 431 -14.99 0.41 -10.64
C ILE A 431 -16.23 1.18 -10.15
N ARG A 432 -16.25 1.59 -8.88
CA ARG A 432 -17.41 2.35 -8.40
C ARG A 432 -17.33 3.80 -8.84
N ASP A 433 -16.14 4.39 -8.82
CA ASP A 433 -15.98 5.79 -9.24
C ASP A 433 -16.54 5.98 -10.66
N LEU A 434 -16.42 4.95 -11.48
CA LEU A 434 -16.92 5.02 -12.85
C LEU A 434 -18.44 5.05 -13.01
N SER A 435 -19.15 4.11 -12.37
CA SER A 435 -20.60 4.03 -12.56
C SER A 435 -21.54 4.10 -11.37
N ALA A 436 -21.04 4.28 -10.17
CA ALA A 436 -21.90 4.32 -8.99
C ALA A 436 -22.95 5.43 -9.03
N TRP A 437 -22.65 6.52 -9.74
CA TRP A 437 -23.57 7.65 -9.83
C TRP A 437 -24.28 7.81 -11.18
N ASP A 438 -23.91 7.00 -12.16
CA ASP A 438 -24.50 7.12 -13.50
C ASP A 438 -25.89 6.51 -13.67
N GLN A 439 -26.92 7.35 -13.66
CA GLN A 439 -28.28 6.89 -13.81
C GLN A 439 -28.56 6.33 -15.22
N THR A 440 -27.67 6.60 -16.17
CA THR A 440 -27.86 6.09 -17.52
C THR A 440 -27.27 4.69 -17.67
N VAL A 441 -26.68 4.19 -16.58
CA VAL A 441 -26.15 2.84 -16.56
C VAL A 441 -27.24 2.02 -15.88
N PRO A 442 -27.63 0.87 -16.45
CA PRO A 442 -28.69 0.06 -15.82
C PRO A 442 -28.41 -0.11 -14.33
N ALA A 443 -29.44 0.06 -13.52
CA ALA A 443 -29.32 -0.03 -12.07
C ALA A 443 -28.54 -1.24 -11.54
N GLU A 444 -28.81 -2.43 -12.08
CA GLU A 444 -28.14 -3.62 -11.62
C GLU A 444 -26.66 -3.72 -11.99
N LEU A 445 -26.20 -2.82 -12.86
CA LEU A 445 -24.80 -2.83 -13.29
C LEU A 445 -23.97 -1.71 -12.65
N ARG A 446 -24.60 -0.84 -11.88
CA ARG A 446 -23.86 0.26 -11.27
C ARG A 446 -22.85 -0.28 -10.26
N GLY A 447 -21.60 0.15 -10.40
CA GLY A 447 -20.55 -0.30 -9.51
C GLY A 447 -20.09 -1.71 -9.83
N LYS A 448 -20.37 -2.16 -11.04
CA LYS A 448 -20.01 -3.51 -11.48
C LYS A 448 -19.09 -3.51 -12.70
N TYR A 449 -18.35 -4.60 -12.89
CA TYR A 449 -17.44 -4.73 -14.04
C TYR A 449 -18.23 -4.53 -15.34
N LEU A 450 -19.44 -5.10 -15.38
CA LEU A 450 -20.28 -5.03 -16.57
C LEU A 450 -20.80 -3.66 -16.98
N ALA A 451 -20.64 -2.66 -16.12
CA ALA A 451 -21.08 -1.32 -16.46
C ALA A 451 -20.34 -0.83 -17.71
N LEU A 452 -19.14 -1.36 -17.94
CA LEU A 452 -18.36 -0.96 -19.10
C LEU A 452 -18.97 -1.44 -20.43
N THR A 453 -19.98 -2.31 -20.34
CA THR A 453 -20.65 -2.82 -21.55
C THR A 453 -21.89 -2.02 -21.94
N ALA A 454 -22.28 -1.06 -21.10
CA ALA A 454 -23.46 -0.24 -21.37
C ALA A 454 -23.09 0.88 -22.33
N GLN A 455 -23.01 0.53 -23.61
CA GLN A 455 -22.60 1.47 -24.66
C GLN A 455 -23.39 2.77 -24.75
N GLU A 456 -24.63 2.77 -24.29
CA GLU A 456 -25.44 3.98 -24.37
C GLU A 456 -25.39 4.85 -23.13
N SER A 457 -24.57 4.48 -22.14
CA SER A 457 -24.47 5.26 -20.92
C SER A 457 -23.56 6.47 -21.09
N ASN A 458 -23.76 7.48 -20.25
CA ASN A 458 -22.95 8.69 -20.28
C ASN A 458 -21.49 8.35 -20.03
N MET A 459 -21.24 7.49 -19.05
CA MET A 459 -19.88 7.09 -18.70
C MET A 459 -19.15 6.37 -19.83
N VAL A 460 -19.80 5.37 -20.43
CA VAL A 460 -19.14 4.65 -21.52
C VAL A 460 -18.90 5.54 -22.73
N GLN A 461 -19.89 6.35 -23.11
CA GLN A 461 -19.73 7.24 -24.26
C GLN A 461 -18.60 8.24 -24.02
N HIS A 462 -18.44 8.65 -22.76
CA HIS A 462 -17.39 9.60 -22.37
C HIS A 462 -16.01 8.93 -22.57
N LEU A 463 -15.87 7.71 -22.08
CA LEU A 463 -14.61 6.98 -22.23
C LEU A 463 -14.31 6.68 -23.70
N LYS A 464 -15.36 6.41 -24.47
CA LYS A 464 -15.20 6.13 -25.88
C LYS A 464 -14.63 7.37 -26.57
N GLN A 465 -15.10 8.55 -26.18
CA GLN A 465 -14.61 9.78 -26.78
C GLN A 465 -13.18 10.06 -26.31
N LEU A 466 -12.89 9.80 -25.04
CA LEU A 466 -11.53 10.02 -24.55
C LEU A 466 -10.56 9.16 -25.34
N SER A 467 -10.95 7.92 -25.62
CA SER A 467 -10.12 7.00 -26.37
C SER A 467 -9.86 7.51 -27.80
N ALA A 468 -10.92 7.94 -28.47
CA ALA A 468 -10.80 8.45 -29.82
C ALA A 468 -9.88 9.66 -29.88
N SER A 469 -9.83 10.41 -28.79
CA SER A 469 -9.02 11.62 -28.69
C SER A 469 -7.58 11.43 -28.24
N GLY A 470 -7.19 10.23 -27.83
CA GLY A 470 -5.81 10.05 -27.42
C GLY A 470 -5.51 9.33 -26.12
N VAL A 471 -6.52 9.00 -25.31
CA VAL A 471 -6.25 8.26 -24.08
C VAL A 471 -6.05 6.83 -24.57
N THR A 472 -4.94 6.19 -24.20
CA THR A 472 -4.68 4.85 -24.70
C THR A 472 -4.81 3.67 -23.73
N HIS A 473 -4.67 3.93 -22.44
CA HIS A 473 -4.75 2.87 -21.44
C HIS A 473 -5.69 3.18 -20.27
N ILE A 474 -6.37 2.15 -19.79
CA ILE A 474 -7.22 2.28 -18.62
C ILE A 474 -6.50 1.51 -17.52
N GLU A 475 -6.15 2.19 -16.43
CA GLU A 475 -5.49 1.53 -15.31
C GLU A 475 -6.58 1.34 -14.25
N LEU A 476 -6.73 0.10 -13.79
CA LEU A 476 -7.76 -0.23 -12.81
C LEU A 476 -7.27 -0.37 -11.38
N LEU A 477 -7.88 0.37 -10.46
CA LEU A 477 -7.53 0.25 -9.06
C LEU A 477 -7.91 -1.19 -8.69
N PRO A 478 -7.36 -1.72 -7.61
CA PRO A 478 -7.60 -3.10 -7.14
C PRO A 478 -8.85 -3.86 -7.59
N VAL A 479 -8.66 -4.81 -8.50
CA VAL A 479 -9.76 -5.65 -8.97
C VAL A 479 -9.46 -7.12 -8.67
N PHE A 480 -8.41 -7.36 -7.90
CA PHE A 480 -8.09 -8.71 -7.44
C PHE A 480 -8.93 -8.78 -6.17
N ASP A 481 -8.95 -9.94 -5.48
CA ASP A 481 -9.78 -10.08 -4.29
C ASP A 481 -9.35 -9.26 -3.07
N LEU A 482 -10.05 -8.16 -2.81
CA LEU A 482 -9.76 -7.29 -1.67
C LEU A 482 -10.60 -7.78 -0.48
N ALA A 483 -10.25 -7.35 0.73
CA ALA A 483 -10.98 -7.82 1.90
C ALA A 483 -11.92 -6.82 2.55
N THR A 484 -11.70 -5.54 2.30
CA THR A 484 -12.47 -4.49 2.94
C THR A 484 -13.88 -4.11 2.49
N VAL A 485 -14.52 -5.00 1.74
CA VAL A 485 -15.91 -4.82 1.29
C VAL A 485 -16.60 -6.18 1.50
N ASN A 486 -17.70 -6.20 2.25
CA ASN A 486 -18.40 -7.46 2.49
C ASN A 486 -19.15 -7.85 1.23
N GLU A 487 -18.90 -9.06 0.73
CA GLU A 487 -19.53 -9.51 -0.50
C GLU A 487 -20.94 -10.07 -0.30
N PHE A 488 -21.39 -10.21 0.95
CA PHE A 488 -22.75 -10.68 1.22
C PHE A 488 -23.63 -9.43 1.18
N SER A 489 -24.37 -9.27 0.09
CA SER A 489 -25.22 -8.10 -0.10
C SER A 489 -26.13 -7.68 1.05
N ASP A 490 -26.67 -8.63 1.80
CA ASP A 490 -27.56 -8.27 2.89
C ASP A 490 -26.86 -7.64 4.09
N LYS A 491 -25.53 -7.67 4.09
CA LYS A 491 -24.74 -7.10 5.19
C LYS A 491 -24.22 -5.72 4.80
N VAL A 492 -24.58 -5.26 3.61
CA VAL A 492 -24.12 -3.98 3.10
C VAL A 492 -25.27 -2.99 2.87
N ALA A 493 -24.96 -1.71 3.01
CA ALA A 493 -25.93 -0.65 2.80
C ALA A 493 -25.21 0.51 2.11
N ASP A 494 -25.76 0.97 0.99
CA ASP A 494 -25.15 2.07 0.25
C ASP A 494 -26.01 3.34 0.34
N ILE A 495 -25.43 4.49 0.01
CA ILE A 495 -26.17 5.74 0.15
C ILE A 495 -27.43 5.90 -0.71
N GLN A 496 -27.55 5.11 -1.77
CA GLN A 496 -28.73 5.18 -2.63
C GLN A 496 -29.94 4.47 -2.02
N GLN A 497 -29.70 3.71 -0.95
CA GLN A 497 -30.75 2.95 -0.27
C GLN A 497 -31.31 3.64 0.97
N PRO A 498 -32.46 3.17 1.48
CA PRO A 498 -33.12 3.74 2.66
C PRO A 498 -32.20 3.83 3.88
N PHE A 499 -32.38 4.87 4.68
CA PHE A 499 -31.59 5.03 5.88
C PHE A 499 -31.92 3.87 6.81
N SER A 500 -33.15 3.37 6.71
CA SER A 500 -33.58 2.25 7.53
C SER A 500 -32.71 1.02 7.29
N ARG A 501 -32.24 0.86 6.05
CA ARG A 501 -31.37 -0.28 5.73
C ARG A 501 -30.01 -0.08 6.40
N LEU A 502 -29.52 1.15 6.41
CA LEU A 502 -28.24 1.45 7.04
C LEU A 502 -28.29 1.11 8.53
N CYS A 503 -29.39 1.45 9.18
CA CYS A 503 -29.53 1.17 10.61
C CYS A 503 -29.61 -0.32 10.90
N GLU A 504 -30.21 -1.06 9.98
CA GLU A 504 -30.35 -2.50 10.18
C GLU A 504 -29.00 -3.23 10.07
N VAL A 505 -28.09 -2.72 9.23
CA VAL A 505 -26.79 -3.39 9.07
C VAL A 505 -25.62 -2.73 9.79
N ASN A 506 -25.82 -1.53 10.34
CA ASN A 506 -24.75 -0.81 11.02
C ASN A 506 -25.16 -0.38 12.43
N SER A 507 -24.68 -1.08 13.44
CA SER A 507 -25.02 -0.75 14.82
C SER A 507 -24.45 0.59 15.30
N ALA A 508 -23.31 1.00 14.76
CA ALA A 508 -22.70 2.26 15.16
C ALA A 508 -23.61 3.44 14.80
N VAL A 509 -24.33 3.31 13.69
CA VAL A 509 -25.25 4.35 13.25
C VAL A 509 -26.45 4.38 14.20
N LYS A 510 -26.98 3.19 14.51
CA LYS A 510 -28.14 3.07 15.38
C LYS A 510 -27.90 3.61 16.80
N SER A 511 -26.65 3.68 17.22
CA SER A 511 -26.34 4.19 18.55
C SER A 511 -25.71 5.59 18.48
N SER A 512 -25.76 6.19 17.29
CA SER A 512 -25.18 7.51 17.07
C SER A 512 -26.19 8.64 17.18
N GLU A 513 -25.72 9.86 16.95
CA GLU A 513 -26.56 11.05 17.01
C GLU A 513 -27.52 11.09 15.81
N PHE A 514 -27.29 10.22 14.83
CA PHE A 514 -28.13 10.16 13.64
C PHE A 514 -29.22 9.09 13.74
N ALA A 515 -29.35 8.47 14.91
CA ALA A 515 -30.34 7.41 15.12
C ALA A 515 -31.77 7.82 14.78
N GLY A 516 -32.08 9.10 14.94
CA GLY A 516 -33.42 9.58 14.64
C GLY A 516 -33.84 9.42 13.19
N TYR A 517 -32.88 9.25 12.30
CA TYR A 517 -33.18 9.10 10.88
C TYR A 517 -33.53 7.65 10.51
N CYS A 518 -33.30 6.73 11.44
CA CYS A 518 -33.56 5.30 11.22
C CYS A 518 -34.97 4.94 10.74
N ASP A 519 -35.99 5.53 11.35
CA ASP A 519 -37.35 5.20 10.93
C ASP A 519 -37.95 6.28 10.05
N SER A 520 -37.09 7.10 9.45
CA SER A 520 -37.54 8.14 8.53
C SER A 520 -37.75 7.44 7.20
N GLY A 521 -38.23 8.18 6.20
CA GLY A 521 -38.45 7.57 4.90
C GLY A 521 -37.43 8.06 3.89
N SER A 522 -36.32 8.61 4.38
CA SER A 522 -35.28 9.13 3.51
C SER A 522 -34.19 8.11 3.20
N THR A 523 -33.48 8.33 2.10
CA THR A 523 -32.37 7.47 1.75
C THR A 523 -31.17 8.16 2.38
N VAL A 524 -30.05 7.46 2.49
CA VAL A 524 -28.86 8.07 3.09
C VAL A 524 -28.38 9.30 2.32
N GLU A 525 -28.34 9.22 0.99
CA GLU A 525 -27.87 10.36 0.20
C GLU A 525 -28.79 11.56 0.36
N GLU A 526 -30.07 11.33 0.61
CA GLU A 526 -31.01 12.42 0.80
C GLU A 526 -30.71 13.11 2.13
N VAL A 527 -30.27 12.33 3.12
CA VAL A 527 -29.94 12.90 4.42
C VAL A 527 -28.64 13.69 4.30
N LEU A 528 -27.64 13.11 3.65
CA LEU A 528 -26.36 13.79 3.47
C LEU A 528 -26.55 15.14 2.77
N THR A 529 -27.40 15.15 1.74
CA THR A 529 -27.65 16.37 0.99
C THR A 529 -28.24 17.48 1.85
N GLN A 530 -29.19 17.15 2.72
CA GLN A 530 -29.80 18.15 3.61
C GLN A 530 -28.81 18.66 4.66
N LEU A 531 -27.82 17.85 5.02
CA LEU A 531 -26.84 18.25 6.03
C LEU A 531 -25.82 19.26 5.50
N LYS A 532 -25.75 19.41 4.18
CA LYS A 532 -24.80 20.32 3.54
C LYS A 532 -24.89 21.80 3.94
N GLN A 533 -26.10 22.36 3.98
CA GLN A 533 -26.22 23.78 4.31
C GLN A 533 -25.63 24.20 5.66
N ASN A 534 -25.79 23.39 6.69
CA ASN A 534 -25.29 23.72 8.02
C ASN A 534 -23.91 23.12 8.32
N ASP A 535 -23.27 22.56 7.29
CA ASP A 535 -21.95 21.95 7.45
C ASP A 535 -20.84 22.99 7.37
N SER A 536 -19.84 22.88 8.24
CA SER A 536 -18.71 23.82 8.26
C SER A 536 -17.60 23.27 9.13
N LYS A 537 -16.51 24.03 9.23
CA LYS A 537 -15.38 23.60 10.05
C LYS A 537 -15.82 23.45 11.51
N ASP A 538 -16.83 24.22 11.91
CA ASP A 538 -17.33 24.15 13.28
C ASP A 538 -18.42 23.10 13.47
N ASN A 539 -18.88 22.51 12.37
CA ASN A 539 -19.92 21.48 12.41
C ASN A 539 -19.81 20.61 11.17
N PRO A 540 -18.76 19.76 11.09
CA PRO A 540 -18.51 18.85 9.97
C PRO A 540 -19.43 17.64 10.02
N GLN A 541 -20.73 17.90 9.97
CA GLN A 541 -21.74 16.85 10.06
C GLN A 541 -21.84 15.91 8.85
N VAL A 542 -21.47 16.39 7.66
CA VAL A 542 -21.54 15.54 6.48
C VAL A 542 -20.55 14.37 6.65
N GLN A 543 -19.29 14.69 6.95
CA GLN A 543 -18.29 13.64 7.14
C GLN A 543 -18.56 12.83 8.41
N ALA A 544 -19.20 13.45 9.40
CA ALA A 544 -19.50 12.74 10.63
C ALA A 544 -20.39 11.52 10.34
N LEU A 545 -21.41 11.73 9.53
CA LEU A 545 -22.31 10.62 9.16
C LEU A 545 -21.64 9.70 8.15
N ASN A 546 -20.93 10.27 7.19
CA ASN A 546 -20.27 9.46 6.18
C ASN A 546 -19.23 8.50 6.78
N THR A 547 -18.56 8.94 7.85
CA THR A 547 -17.56 8.10 8.49
C THR A 547 -18.19 6.80 8.98
N LEU A 548 -19.45 6.87 9.39
CA LEU A 548 -20.16 5.69 9.86
C LEU A 548 -20.60 4.85 8.66
N VAL A 549 -21.11 5.53 7.63
CA VAL A 549 -21.56 4.85 6.41
C VAL A 549 -20.42 4.03 5.77
N ALA A 550 -19.21 4.57 5.82
CA ALA A 550 -18.03 3.93 5.23
C ALA A 550 -17.74 2.52 5.76
N GLN A 551 -18.19 2.25 6.98
CA GLN A 551 -17.95 0.94 7.62
C GLN A 551 -18.71 -0.22 6.99
N THR A 552 -19.88 0.06 6.43
CA THR A 552 -20.70 -0.99 5.85
C THR A 552 -21.19 -0.77 4.42
N ASP A 553 -20.51 0.08 3.66
CA ASP A 553 -20.91 0.32 2.27
C ASP A 553 -20.12 -0.56 1.32
N SER A 554 -20.31 -0.38 0.02
CA SER A 554 -19.61 -1.19 -0.99
C SER A 554 -18.32 -0.52 -1.47
N TYR A 555 -17.90 0.55 -0.80
CA TYR A 555 -16.74 1.31 -1.24
C TYR A 555 -15.39 1.20 -0.53
N ASN A 556 -14.34 1.02 -1.32
CA ASN A 556 -12.95 1.02 -0.85
C ASN A 556 -12.03 0.92 -2.05
N TRP A 557 -10.89 1.61 -2.01
CA TRP A 557 -9.94 1.53 -3.11
C TRP A 557 -9.52 0.07 -3.28
N GLY A 558 -9.42 -0.63 -2.16
CA GLY A 558 -9.06 -2.03 -2.18
C GLY A 558 -7.60 -2.44 -2.05
N TYR A 559 -6.75 -1.59 -1.48
CA TYR A 559 -5.34 -1.94 -1.32
C TYR A 559 -5.21 -2.84 -0.08
N ASP A 560 -6.07 -3.84 -0.02
CA ASP A 560 -6.16 -4.79 1.10
C ASP A 560 -6.30 -6.21 0.54
N PRO A 561 -5.18 -6.82 0.10
CA PRO A 561 -5.12 -8.16 -0.49
C PRO A 561 -5.60 -9.34 0.35
N PHE A 562 -6.61 -10.05 -0.16
CA PHE A 562 -7.17 -11.25 0.49
C PHE A 562 -6.64 -12.45 -0.31
N HIS A 563 -6.87 -12.42 -1.63
CA HIS A 563 -6.38 -13.46 -2.54
C HIS A 563 -5.82 -12.74 -3.76
N TYR A 564 -4.57 -13.05 -4.11
CA TYR A 564 -3.89 -12.36 -5.19
C TYR A 564 -4.28 -12.72 -6.62
N THR A 565 -4.88 -13.89 -6.82
CA THR A 565 -5.17 -14.32 -8.18
C THR A 565 -6.61 -14.71 -8.48
N VAL A 566 -7.55 -13.97 -7.88
CA VAL A 566 -8.98 -14.17 -8.10
C VAL A 566 -9.58 -12.77 -8.22
N PRO A 567 -10.52 -12.57 -9.15
CA PRO A 567 -11.15 -11.26 -9.31
C PRO A 567 -11.96 -10.92 -8.06
N GLU A 568 -12.16 -9.63 -7.80
CA GLU A 568 -12.95 -9.17 -6.65
C GLU A 568 -14.40 -9.61 -6.87
N GLY A 569 -15.08 -10.02 -5.81
CA GLY A 569 -16.45 -10.48 -5.94
C GLY A 569 -17.56 -9.45 -5.90
N SER A 570 -17.37 -8.38 -5.12
CA SER A 570 -18.40 -7.34 -5.00
C SER A 570 -18.65 -6.59 -6.31
N TYR A 571 -17.71 -6.66 -7.25
CA TYR A 571 -17.87 -5.98 -8.54
C TYR A 571 -18.59 -6.87 -9.56
N ALA A 572 -18.93 -8.09 -9.15
CA ALA A 572 -19.63 -9.03 -10.01
C ALA A 572 -21.11 -9.02 -9.62
N THR A 573 -22.00 -9.35 -10.56
CA THR A 573 -23.42 -9.36 -10.26
C THR A 573 -23.75 -10.55 -9.35
N ASP A 574 -22.92 -11.59 -9.40
CA ASP A 574 -23.10 -12.78 -8.58
C ASP A 574 -21.73 -13.19 -8.04
N PRO A 575 -21.46 -12.91 -6.76
CA PRO A 575 -20.18 -13.25 -6.11
C PRO A 575 -19.98 -14.70 -5.71
N GLU A 576 -20.98 -15.55 -5.97
CA GLU A 576 -20.88 -16.95 -5.59
C GLU A 576 -20.32 -17.85 -6.70
N GLY A 577 -19.08 -18.30 -6.54
CA GLY A 577 -18.51 -19.19 -7.53
C GLY A 577 -17.79 -18.56 -8.70
N THR A 578 -17.80 -19.29 -9.82
CA THR A 578 -17.11 -18.85 -11.04
C THR A 578 -17.69 -17.69 -11.84
N ALA A 579 -18.95 -17.33 -11.57
CA ALA A 579 -19.60 -16.25 -12.30
C ALA A 579 -18.77 -14.99 -12.55
N ARG A 580 -18.03 -14.54 -11.54
CA ARG A 580 -17.22 -13.31 -11.64
C ARG A 580 -16.11 -13.39 -12.69
N ILE A 581 -15.64 -14.59 -12.97
CA ILE A 581 -14.58 -14.78 -13.95
C ILE A 581 -14.98 -14.39 -15.36
N LYS A 582 -16.15 -14.81 -15.80
CA LYS A 582 -16.60 -14.46 -17.13
C LYS A 582 -16.97 -12.97 -17.19
N GLU A 583 -17.52 -12.44 -16.10
CA GLU A 583 -17.89 -11.03 -16.09
C GLU A 583 -16.66 -10.14 -16.18
N PHE A 584 -15.58 -10.52 -15.48
CA PHE A 584 -14.34 -9.74 -15.51
C PHE A 584 -13.80 -9.74 -16.94
N ARG A 585 -13.79 -10.92 -17.56
CA ARG A 585 -13.30 -11.04 -18.94
C ARG A 585 -14.17 -10.24 -19.93
N THR A 586 -15.47 -10.24 -19.70
CA THR A 586 -16.38 -9.51 -20.56
C THR A 586 -16.02 -8.02 -20.50
N MET A 587 -15.63 -7.56 -19.31
CA MET A 587 -15.22 -6.16 -19.13
C MET A 587 -13.91 -5.89 -19.87
N ILE A 588 -12.93 -6.78 -19.70
CA ILE A 588 -11.64 -6.60 -20.36
C ILE A 588 -11.84 -6.53 -21.86
N GLN A 589 -12.64 -7.44 -22.40
CA GLN A 589 -12.92 -7.46 -23.83
C GLN A 589 -13.58 -6.18 -24.30
N ALA A 590 -14.52 -5.65 -23.50
CA ALA A 590 -15.21 -4.43 -23.88
C ALA A 590 -14.26 -3.24 -23.94
N ILE A 591 -13.37 -3.15 -22.97
CA ILE A 591 -12.41 -2.06 -22.92
C ILE A 591 -11.48 -2.08 -24.13
N LYS A 592 -10.93 -3.25 -24.44
CA LYS A 592 -10.01 -3.40 -25.55
C LYS A 592 -10.64 -3.36 -26.94
N GLN A 593 -11.71 -4.15 -27.11
CA GLN A 593 -12.38 -4.27 -28.39
C GLN A 593 -13.37 -3.15 -28.73
N ASP A 594 -14.16 -2.74 -27.75
CA ASP A 594 -15.16 -1.70 -28.00
C ASP A 594 -14.75 -0.27 -27.65
N LEU A 595 -13.86 -0.10 -26.67
CA LEU A 595 -13.42 1.25 -26.30
C LEU A 595 -12.03 1.54 -26.88
N GLY A 596 -11.38 0.50 -27.40
CA GLY A 596 -10.07 0.66 -28.01
C GLY A 596 -8.89 1.01 -27.11
N MET A 597 -8.95 0.62 -25.84
CA MET A 597 -7.86 0.93 -24.91
C MET A 597 -7.21 -0.29 -24.27
N ASN A 598 -5.89 -0.20 -24.03
CA ASN A 598 -5.17 -1.28 -23.38
C ASN A 598 -5.56 -1.23 -21.90
N VAL A 599 -5.24 -2.28 -21.15
CA VAL A 599 -5.57 -2.33 -19.73
C VAL A 599 -4.37 -2.59 -18.83
N ILE A 600 -4.27 -1.83 -17.74
CA ILE A 600 -3.20 -1.98 -16.75
C ILE A 600 -3.85 -2.35 -15.41
N MET A 601 -3.29 -3.33 -14.72
CA MET A 601 -3.81 -3.73 -13.42
C MET A 601 -2.91 -3.25 -12.29
N ASP A 602 -3.53 -2.68 -11.25
CA ASP A 602 -2.83 -2.20 -10.07
C ASP A 602 -2.70 -3.44 -9.19
N VAL A 603 -1.47 -3.84 -8.87
CA VAL A 603 -1.23 -5.02 -8.02
C VAL A 603 -0.55 -4.60 -6.72
N VAL A 604 -0.87 -5.32 -5.65
CA VAL A 604 -0.38 -5.00 -4.31
C VAL A 604 0.29 -6.18 -3.59
N TYR A 605 1.43 -6.62 -4.10
CA TYR A 605 2.15 -7.75 -3.51
C TYR A 605 3.07 -7.36 -2.35
N ASN A 606 3.16 -6.07 -2.06
CA ASN A 606 4.03 -5.59 -0.99
C ASN A 606 3.53 -5.82 0.43
N HIS A 607 2.27 -6.23 0.57
CA HIS A 607 1.70 -6.50 1.88
C HIS A 607 0.41 -7.31 1.78
N THR A 608 0.02 -7.92 2.90
CA THR A 608 -1.21 -8.70 2.96
C THR A 608 -2.17 -7.91 3.85
N ASN A 609 -3.46 -8.24 3.81
CA ASN A 609 -4.45 -7.54 4.62
C ASN A 609 -4.27 -7.81 6.11
N ALA A 610 -3.76 -8.99 6.45
CA ALA A 610 -3.54 -9.38 7.84
C ALA A 610 -2.61 -10.58 7.95
N ALA A 611 -2.15 -10.84 9.17
CA ALA A 611 -1.27 -11.97 9.46
C ALA A 611 -1.73 -12.58 10.79
N GLY A 612 -0.98 -13.54 11.30
CA GLY A 612 -1.37 -14.18 12.56
C GLY A 612 -2.27 -15.38 12.38
N PRO A 613 -2.49 -16.16 13.44
CA PRO A 613 -3.34 -17.36 13.40
C PRO A 613 -4.83 -17.18 13.65
N THR A 614 -5.29 -15.94 13.85
CA THR A 614 -6.71 -15.73 14.15
C THR A 614 -7.53 -14.87 13.21
N ASP A 615 -6.91 -13.90 12.52
CA ASP A 615 -7.67 -13.03 11.63
C ASP A 615 -8.31 -13.80 10.48
N ARG A 616 -9.54 -13.43 10.17
CA ARG A 616 -10.32 -14.03 9.10
C ARG A 616 -9.61 -13.98 7.75
N THR A 617 -8.91 -12.87 7.51
CA THR A 617 -8.23 -12.67 6.23
C THR A 617 -6.77 -13.07 6.17
N SER A 618 -6.26 -13.68 7.23
CA SER A 618 -4.87 -14.14 7.26
C SER A 618 -4.85 -15.49 6.58
N VAL A 619 -4.25 -15.55 5.39
CA VAL A 619 -4.19 -16.81 4.63
C VAL A 619 -2.77 -17.36 4.61
N LEU A 620 -1.87 -16.60 3.99
CA LEU A 620 -0.47 -16.99 3.89
C LEU A 620 0.21 -17.22 5.24
N ASP A 621 0.02 -16.31 6.19
CA ASP A 621 0.68 -16.45 7.49
C ASP A 621 0.10 -17.57 8.36
N LYS A 622 -1.01 -18.14 7.94
CA LYS A 622 -1.62 -19.24 8.67
C LYS A 622 -1.03 -20.57 8.17
N ILE A 623 -0.78 -20.65 6.87
CA ILE A 623 -0.25 -21.87 6.26
C ILE A 623 1.24 -22.08 6.49
N VAL A 624 2.03 -21.02 6.34
CA VAL A 624 3.47 -21.09 6.60
C VAL A 624 3.82 -19.88 7.48
N PRO A 625 3.52 -19.97 8.78
CA PRO A 625 3.78 -18.91 9.75
C PRO A 625 5.19 -18.30 9.70
N TRP A 626 5.23 -16.98 9.80
CA TRP A 626 6.49 -16.23 9.82
C TRP A 626 7.37 -16.31 8.57
N TYR A 627 6.82 -16.79 7.46
CA TYR A 627 7.62 -16.90 6.23
C TYR A 627 7.28 -15.85 5.16
N TYR A 628 6.00 -15.64 4.91
CA TYR A 628 5.57 -14.69 3.88
C TYR A 628 5.57 -13.22 4.30
N GLN A 629 5.74 -12.95 5.60
CA GLN A 629 5.76 -11.57 6.09
C GLN A 629 7.16 -11.14 6.50
N ARG A 630 7.46 -9.84 6.42
CA ARG A 630 8.77 -9.35 6.83
C ARG A 630 8.62 -9.04 8.32
N LEU A 631 9.58 -9.52 9.13
CA LEU A 631 9.50 -9.33 10.57
C LEU A 631 10.61 -8.47 11.15
N ASN A 632 10.34 -7.89 12.31
CA ASN A 632 11.33 -7.07 13.02
C ASN A 632 12.41 -8.04 13.49
N GLU A 633 13.67 -7.67 13.32
CA GLU A 633 14.80 -8.51 13.69
C GLU A 633 14.87 -8.95 15.16
N THR A 634 14.31 -8.14 16.05
CA THR A 634 14.36 -8.45 17.47
C THR A 634 13.10 -9.07 18.09
N THR A 635 11.93 -8.52 17.76
CA THR A 635 10.68 -9.01 18.32
C THR A 635 9.93 -10.07 17.51
N GLY A 636 10.24 -10.17 16.23
CA GLY A 636 9.56 -11.14 15.39
C GLY A 636 8.18 -10.65 14.94
N SER A 637 7.83 -9.43 15.35
CA SER A 637 6.53 -8.86 14.97
C SER A 637 6.47 -8.51 13.49
N VAL A 638 5.29 -8.68 12.88
CA VAL A 638 5.12 -8.37 11.47
C VAL A 638 5.18 -6.85 11.27
N GLU A 639 6.10 -6.41 10.42
CA GLU A 639 6.27 -4.99 10.17
C GLU A 639 5.07 -4.39 9.42
N SER A 640 4.83 -3.09 9.62
CA SER A 640 3.69 -2.42 9.01
C SER A 640 4.04 -1.12 8.31
N ALA A 641 5.26 -1.02 7.79
CA ALA A 641 5.70 0.20 7.11
C ALA A 641 4.86 0.53 5.87
N THR A 642 4.32 -0.50 5.23
CA THR A 642 3.51 -0.32 4.03
C THR A 642 2.15 0.28 4.39
N CYS A 643 1.71 0.02 5.61
CA CYS A 643 0.42 0.47 6.15
C CYS A 643 -0.17 -0.65 6.95
N CYS A 644 0.07 -1.84 6.43
CA CYS A 644 -0.56 -3.02 6.93
C CYS A 644 0.35 -4.18 7.39
N SER A 645 0.24 -5.34 6.73
CA SER A 645 1.09 -6.48 7.10
C SER A 645 2.14 -6.67 6.01
N ASP A 646 3.33 -6.09 6.23
CA ASP A 646 4.43 -6.15 5.26
C ASP A 646 4.79 -7.59 4.82
N SER A 647 4.88 -7.79 3.50
CA SER A 647 5.22 -9.10 2.95
C SER A 647 6.73 -9.20 2.72
N ALA A 648 7.22 -10.39 2.39
CA ALA A 648 8.64 -10.60 2.16
C ALA A 648 8.98 -11.12 0.76
N PRO A 649 8.98 -10.23 -0.25
CA PRO A 649 9.28 -10.60 -1.63
C PRO A 649 10.71 -11.12 -1.79
N GLU A 650 11.53 -10.89 -0.78
CA GLU A 650 12.92 -11.36 -0.82
C GLU A 650 13.02 -12.85 -0.52
N HIS A 651 11.92 -13.44 -0.06
CA HIS A 651 11.89 -14.88 0.22
C HIS A 651 11.48 -15.60 -1.07
N ARG A 652 12.22 -16.66 -1.41
CA ARG A 652 12.00 -17.41 -2.65
C ARG A 652 10.59 -17.88 -3.02
N MET A 653 9.87 -18.47 -2.08
CA MET A 653 8.53 -18.95 -2.40
C MET A 653 7.50 -17.84 -2.52
N PHE A 654 7.74 -16.67 -1.93
CA PHE A 654 6.76 -15.61 -2.12
C PHE A 654 7.05 -15.00 -3.49
N ALA A 655 8.33 -14.92 -3.85
CA ALA A 655 8.71 -14.39 -5.15
C ALA A 655 8.07 -15.26 -6.23
N LYS A 656 8.03 -16.57 -5.99
CA LYS A 656 7.43 -17.48 -6.96
C LYS A 656 5.91 -17.28 -7.03
N LEU A 657 5.28 -17.05 -5.88
CA LEU A 657 3.84 -16.83 -5.87
C LEU A 657 3.50 -15.59 -6.68
N ILE A 658 4.31 -14.55 -6.54
CA ILE A 658 4.08 -13.31 -7.27
C ILE A 658 4.17 -13.56 -8.78
N ALA A 659 5.24 -14.21 -9.21
CA ALA A 659 5.42 -14.50 -10.63
C ALA A 659 4.32 -15.41 -11.18
N ASP A 660 3.94 -16.43 -10.42
CA ASP A 660 2.88 -17.34 -10.87
C ASP A 660 1.55 -16.60 -10.97
N SER A 661 1.32 -15.68 -10.05
CA SER A 661 0.10 -14.87 -10.03
C SER A 661 0.05 -13.97 -11.27
N LEU A 662 1.15 -13.26 -11.53
CA LEU A 662 1.21 -12.37 -12.69
C LEU A 662 1.01 -13.17 -13.98
N ALA A 663 1.47 -14.42 -14.00
CA ALA A 663 1.32 -15.27 -15.19
C ALA A 663 -0.16 -15.51 -15.50
N VAL A 664 -0.97 -15.71 -14.47
CA VAL A 664 -2.40 -15.95 -14.67
C VAL A 664 -3.10 -14.70 -15.17
N TRP A 665 -2.83 -13.55 -14.54
CA TRP A 665 -3.46 -12.30 -14.99
C TRP A 665 -3.07 -12.01 -16.44
N THR A 666 -1.82 -12.29 -16.79
CA THR A 666 -1.32 -12.05 -18.15
C THR A 666 -1.94 -12.99 -19.19
N THR A 667 -1.84 -14.29 -18.95
CA THR A 667 -2.35 -15.28 -19.89
C THR A 667 -3.86 -15.50 -19.89
N ASP A 668 -4.44 -15.70 -18.72
CA ASP A 668 -5.86 -15.97 -18.62
C ASP A 668 -6.78 -14.76 -18.62
N TYR A 669 -6.28 -13.60 -18.22
CA TYR A 669 -7.10 -12.39 -18.19
C TYR A 669 -6.65 -11.32 -19.19
N LYS A 670 -5.61 -11.65 -19.96
CA LYS A 670 -5.07 -10.77 -20.98
C LYS A 670 -4.81 -9.32 -20.56
N ILE A 671 -4.11 -9.15 -19.44
CA ILE A 671 -3.76 -7.83 -18.93
C ILE A 671 -2.51 -7.38 -19.73
N ASP A 672 -2.47 -6.09 -20.11
CA ASP A 672 -1.37 -5.55 -20.91
C ASP A 672 -0.18 -4.98 -20.12
N GLY A 673 -0.41 -4.60 -18.87
CA GLY A 673 0.67 -4.04 -18.07
C GLY A 673 0.31 -4.04 -16.61
N PHE A 674 1.31 -3.87 -15.75
CA PHE A 674 1.07 -3.89 -14.31
C PHE A 674 1.72 -2.71 -13.58
N ARG A 675 0.97 -2.12 -12.66
CA ARG A 675 1.45 -1.02 -11.84
C ARG A 675 1.69 -1.60 -10.45
N PHE A 676 2.96 -1.70 -10.05
CA PHE A 676 3.28 -2.27 -8.75
C PHE A 676 3.18 -1.28 -7.60
N ASP A 677 2.22 -1.52 -6.72
CA ASP A 677 2.01 -0.69 -5.54
C ASP A 677 3.25 -0.85 -4.67
N LEU A 678 3.75 0.26 -4.14
CA LEU A 678 4.95 0.26 -3.30
C LEU A 678 6.02 -0.73 -3.77
N MET A 679 6.37 -0.61 -5.05
CA MET A 679 7.36 -1.47 -5.67
C MET A 679 8.70 -1.35 -4.94
N LEU A 680 8.91 -0.21 -4.29
CA LEU A 680 10.15 0.05 -3.55
C LEU A 680 10.41 -0.93 -2.40
N TYR A 681 9.37 -1.62 -1.93
CA TYR A 681 9.52 -2.60 -0.86
C TYR A 681 9.93 -3.98 -1.42
N HIS A 682 10.12 -4.04 -2.73
CA HIS A 682 10.52 -5.26 -3.42
C HIS A 682 11.98 -5.16 -3.84
N PRO A 683 12.71 -6.28 -3.83
CA PRO A 683 14.11 -6.23 -4.24
C PRO A 683 14.14 -5.96 -5.74
N LYS A 684 15.10 -5.16 -6.20
CA LYS A 684 15.23 -4.86 -7.62
C LYS A 684 15.35 -6.18 -8.39
N ALA A 685 16.15 -7.11 -7.87
CA ALA A 685 16.35 -8.40 -8.52
C ALA A 685 15.07 -9.21 -8.69
N GLN A 686 14.17 -9.13 -7.71
CA GLN A 686 12.92 -9.87 -7.78
C GLN A 686 11.99 -9.33 -8.86
N ILE A 687 11.88 -8.01 -8.95
CA ILE A 687 11.03 -7.39 -9.98
C ILE A 687 11.54 -7.75 -11.37
N LEU A 688 12.86 -7.69 -11.56
CA LEU A 688 13.44 -8.00 -12.86
C LEU A 688 13.26 -9.47 -13.23
N SER A 689 13.37 -10.37 -12.25
CA SER A 689 13.20 -11.79 -12.52
C SER A 689 11.76 -12.05 -12.94
N ALA A 690 10.83 -11.39 -12.26
CA ALA A 690 9.41 -11.55 -12.57
C ALA A 690 9.15 -11.10 -14.01
N TRP A 691 9.77 -9.98 -14.40
CA TRP A 691 9.58 -9.45 -15.75
C TRP A 691 10.13 -10.45 -16.78
N GLU A 692 11.27 -11.05 -16.48
CA GLU A 692 11.86 -12.04 -17.38
C GLU A 692 10.88 -13.20 -17.59
N ARG A 693 10.24 -13.63 -16.49
CA ARG A 693 9.28 -14.72 -16.54
C ARG A 693 8.07 -14.38 -17.40
N ILE A 694 7.48 -13.21 -17.14
CA ILE A 694 6.30 -12.77 -17.88
C ILE A 694 6.57 -12.46 -19.35
N LYS A 695 7.76 -11.97 -19.66
CA LYS A 695 8.09 -11.65 -21.05
C LYS A 695 8.08 -12.91 -21.92
N ALA A 696 8.15 -14.07 -21.28
CA ALA A 696 8.13 -15.33 -22.02
C ALA A 696 6.68 -15.65 -22.43
N LEU A 697 5.74 -15.06 -21.70
CA LEU A 697 4.32 -15.28 -21.99
C LEU A 697 3.80 -14.19 -22.94
N ASN A 698 4.12 -12.94 -22.61
CA ASN A 698 3.74 -11.78 -23.41
C ASN A 698 5.02 -10.96 -23.51
N PRO A 699 5.71 -11.03 -24.66
CA PRO A 699 6.96 -10.29 -24.85
C PRO A 699 6.87 -8.77 -24.76
N ASP A 700 5.66 -8.23 -24.84
CA ASP A 700 5.48 -6.78 -24.80
C ASP A 700 4.85 -6.25 -23.51
N ILE A 701 4.79 -7.10 -22.49
CA ILE A 701 4.21 -6.69 -21.21
C ILE A 701 5.04 -5.52 -20.66
N TYR A 702 4.37 -4.58 -19.98
CA TYR A 702 5.08 -3.43 -19.40
C TYR A 702 4.90 -3.41 -17.88
N PHE A 703 6.00 -3.20 -17.17
CA PHE A 703 6.03 -3.12 -15.70
C PHE A 703 6.44 -1.73 -15.24
N PHE A 704 5.78 -1.22 -14.21
CA PHE A 704 6.14 0.07 -13.63
C PHE A 704 5.53 0.16 -12.22
N GLY A 705 5.96 1.15 -11.44
CA GLY A 705 5.41 1.27 -10.10
C GLY A 705 6.01 2.40 -9.26
N GLU A 706 5.65 2.44 -7.99
CA GLU A 706 6.15 3.46 -7.06
C GLU A 706 7.56 3.12 -6.62
N GLY A 707 8.55 3.87 -7.09
CA GLY A 707 9.93 3.60 -6.70
C GLY A 707 10.49 4.59 -5.70
N TRP A 708 9.75 4.86 -4.62
CA TRP A 708 10.21 5.81 -3.60
C TRP A 708 11.26 5.11 -2.73
N ASP A 709 11.59 5.68 -1.58
CA ASP A 709 12.57 5.03 -0.68
C ASP A 709 11.79 4.26 0.37
N SER A 710 11.98 2.94 0.40
CA SER A 710 11.27 2.06 1.33
C SER A 710 12.02 1.81 2.63
N ASN A 711 13.24 2.32 2.73
CA ASN A 711 14.08 2.13 3.92
C ASN A 711 14.47 0.67 4.11
N GLN A 712 14.47 -0.10 3.03
CA GLN A 712 14.83 -1.52 3.12
C GLN A 712 16.20 -1.79 2.48
N SER A 713 16.93 -0.74 2.14
CA SER A 713 18.24 -0.88 1.52
C SER A 713 19.25 -1.66 2.35
N ASP A 714 19.00 -1.76 3.64
CA ASP A 714 19.91 -2.49 4.52
C ASP A 714 19.73 -3.99 4.35
N ARG A 715 18.58 -4.39 3.78
CA ARG A 715 18.29 -5.80 3.57
C ARG A 715 18.56 -6.28 2.14
N PHE A 716 18.43 -5.38 1.17
CA PHE A 716 18.65 -5.72 -0.23
C PHE A 716 18.57 -4.47 -1.10
N GLU A 717 19.03 -4.56 -2.35
CA GLU A 717 18.96 -3.42 -3.25
C GLU A 717 17.49 -3.30 -3.64
N ILE A 718 16.86 -2.19 -3.28
CA ILE A 718 15.44 -1.97 -3.56
C ILE A 718 15.12 -1.53 -4.99
N ALA A 719 13.86 -1.72 -5.38
CA ALA A 719 13.41 -1.33 -6.71
C ALA A 719 12.96 0.14 -6.67
N SER A 720 13.94 1.03 -6.66
CA SER A 720 13.70 2.47 -6.60
C SER A 720 13.97 3.17 -7.93
N GLN A 721 13.57 4.44 -8.03
CA GLN A 721 13.79 5.24 -9.23
C GLN A 721 15.25 5.19 -9.63
N ILE A 722 16.13 5.43 -8.66
CA ILE A 722 17.57 5.44 -8.89
C ILE A 722 18.15 4.10 -9.34
N ASN A 723 17.84 3.04 -8.60
CA ASN A 723 18.37 1.72 -8.91
C ASN A 723 17.83 1.08 -10.18
N LEU A 724 16.66 1.51 -10.64
CA LEU A 724 16.07 0.93 -11.84
C LEU A 724 16.51 1.60 -13.15
N LYS A 725 17.41 2.58 -13.06
CA LYS A 725 17.90 3.27 -14.25
C LYS A 725 18.45 2.29 -15.29
N GLY A 726 17.95 2.40 -16.51
CA GLY A 726 18.40 1.55 -17.60
C GLY A 726 17.80 0.15 -17.69
N THR A 727 16.95 -0.21 -16.74
CA THR A 727 16.34 -1.55 -16.71
C THR A 727 15.10 -1.72 -17.58
N GLY A 728 14.43 -0.63 -17.89
CA GLY A 728 13.21 -0.73 -18.70
C GLY A 728 11.98 -0.78 -17.80
N ILE A 729 12.20 -0.77 -16.49
CA ILE A 729 11.09 -0.78 -15.53
C ILE A 729 10.78 0.69 -15.23
N GLY A 730 9.52 1.10 -15.44
CA GLY A 730 9.19 2.49 -15.19
C GLY A 730 8.88 2.82 -13.74
N THR A 731 8.97 4.11 -13.40
CA THR A 731 8.64 4.58 -12.06
C THR A 731 7.96 5.94 -12.14
N PHE A 732 7.00 6.15 -11.24
CA PHE A 732 6.31 7.43 -11.17
C PHE A 732 7.35 8.47 -10.80
N SER A 733 7.33 9.62 -11.46
CA SER A 733 8.27 10.67 -11.13
C SER A 733 7.56 11.73 -10.29
N ASP A 734 8.17 12.10 -9.16
CA ASP A 734 7.57 13.11 -8.30
C ASP A 734 8.15 14.50 -8.57
N ARG A 735 9.09 14.59 -9.51
CA ARG A 735 9.74 15.85 -9.86
C ARG A 735 8.79 16.85 -10.52
N LEU A 736 8.38 16.58 -11.75
CA LEU A 736 7.47 17.47 -12.45
C LEU A 736 6.14 17.61 -11.67
N ARG A 737 5.69 16.50 -11.11
CA ARG A 737 4.46 16.45 -10.33
C ARG A 737 4.40 17.58 -9.29
N ASP A 738 5.39 17.62 -8.41
CA ASP A 738 5.43 18.65 -7.36
C ASP A 738 5.75 20.05 -7.89
N ALA A 739 6.59 20.15 -8.91
CA ALA A 739 6.94 21.45 -9.46
C ALA A 739 5.72 22.16 -10.07
N VAL A 740 4.85 21.39 -10.72
CA VAL A 740 3.65 21.94 -11.35
C VAL A 740 2.48 22.10 -10.39
N ARG A 741 2.24 21.10 -9.54
CA ARG A 741 1.16 21.15 -8.55
C ARG A 741 1.50 22.14 -7.44
N GLY A 742 2.78 22.14 -7.06
CA GLY A 742 3.24 22.99 -5.98
C GLY A 742 3.29 22.20 -4.68
N GLY A 743 4.25 22.53 -3.83
CA GLY A 743 4.36 21.85 -2.55
C GLY A 743 4.62 20.35 -2.59
N GLY A 744 4.08 19.64 -1.61
CA GLY A 744 4.27 18.20 -1.53
C GLY A 744 3.08 17.49 -0.89
N PRO A 745 3.02 16.16 -0.96
CA PRO A 745 1.91 15.40 -0.38
C PRO A 745 1.79 15.45 1.15
N PHE A 746 2.83 15.92 1.83
CA PHE A 746 2.84 15.98 3.28
C PHE A 746 2.43 17.35 3.86
N ASP A 747 2.24 18.33 2.99
CA ASP A 747 1.86 19.69 3.44
C ASP A 747 0.56 19.72 4.23
N SER A 748 0.50 20.62 5.21
CA SER A 748 -0.71 20.80 6.02
C SER A 748 -0.84 22.27 6.38
N GLY A 749 -2.05 22.66 6.78
CA GLY A 749 -2.28 24.04 7.16
C GLY A 749 -2.02 25.06 6.07
N ASP A 750 -1.46 26.20 6.46
CA ASP A 750 -1.18 27.27 5.52
C ASP A 750 -0.18 26.92 4.42
N ALA A 751 0.65 25.90 4.65
CA ALA A 751 1.62 25.47 3.66
C ALA A 751 0.90 25.06 2.37
N LEU A 752 -0.31 24.54 2.52
CA LEU A 752 -1.10 24.10 1.36
C LEU A 752 -1.38 25.25 0.40
N ARG A 753 -1.50 26.47 0.94
CA ARG A 753 -1.75 27.63 0.10
C ARG A 753 -0.44 28.33 -0.27
N GLN A 754 0.48 28.37 0.68
CA GLN A 754 1.77 29.02 0.46
C GLN A 754 2.59 28.40 -0.69
N ASN A 755 2.59 27.07 -0.75
CA ASN A 755 3.37 26.38 -1.77
C ASN A 755 2.74 26.30 -3.15
N GLN A 756 2.71 27.43 -3.85
CA GLN A 756 2.17 27.49 -5.21
C GLN A 756 3.07 26.75 -6.20
N GLY A 757 2.49 26.29 -7.31
CA GLY A 757 3.28 25.59 -8.32
C GLY A 757 3.27 26.33 -9.64
N VAL A 758 3.98 25.80 -10.63
CA VAL A 758 4.01 26.44 -11.93
C VAL A 758 2.60 26.54 -12.47
N GLY A 759 1.80 25.49 -12.27
CA GLY A 759 0.43 25.48 -12.75
C GLY A 759 -0.53 26.43 -12.06
N SER A 760 -0.16 26.92 -10.88
CA SER A 760 -1.01 27.84 -10.13
C SER A 760 -0.40 29.23 -9.93
N GLY A 761 0.58 29.59 -10.77
CA GLY A 761 1.16 30.92 -10.71
C GLY A 761 2.28 31.24 -9.74
N ALA A 762 3.13 30.28 -9.42
CA ALA A 762 4.25 30.54 -8.51
C ALA A 762 5.06 31.72 -9.06
N GLY A 763 5.32 32.71 -8.22
CA GLY A 763 6.09 33.86 -8.65
C GLY A 763 5.30 34.91 -9.42
N VAL A 764 4.70 34.50 -10.54
CA VAL A 764 3.96 35.42 -11.40
C VAL A 764 2.59 35.88 -10.92
N LEU A 765 1.90 35.06 -10.12
CA LEU A 765 0.57 35.43 -9.62
C LEU A 765 0.46 34.96 -8.17
N PRO A 766 1.30 35.51 -7.29
CA PRO A 766 1.33 35.16 -5.87
C PRO A 766 0.03 35.42 -5.10
N ASN A 767 -0.29 34.54 -4.16
CA ASN A 767 -1.49 34.74 -3.35
C ASN A 767 -1.06 35.59 -2.15
N GLU A 768 -1.97 35.82 -1.20
CA GLU A 768 -1.65 36.67 -0.05
C GLU A 768 -0.73 36.10 1.03
N LEU A 769 -0.49 34.79 1.01
CA LEU A 769 0.33 34.15 2.03
C LEU A 769 1.74 33.72 1.60
N THR A 770 1.90 33.38 0.32
CA THR A 770 3.18 32.91 -0.18
C THR A 770 4.38 33.84 -0.03
N THR A 771 5.56 33.23 0.12
CA THR A 771 6.81 33.99 0.21
C THR A 771 7.79 33.47 -0.83
N LEU A 772 7.28 32.71 -1.81
CA LEU A 772 8.12 32.17 -2.87
C LEU A 772 8.84 33.29 -3.63
N SER A 773 10.15 33.14 -3.81
CA SER A 773 10.94 34.13 -4.52
C SER A 773 10.93 33.82 -6.02
N ASP A 774 11.38 34.76 -6.83
CA ASP A 774 11.40 34.55 -8.27
C ASP A 774 12.39 33.44 -8.59
N ASP A 775 13.42 33.33 -7.74
CA ASP A 775 14.44 32.31 -7.91
C ASP A 775 13.88 30.93 -7.62
N GLN A 776 12.99 30.84 -6.62
CA GLN A 776 12.39 29.57 -6.26
C GLN A 776 11.39 29.15 -7.35
N ALA A 777 10.69 30.12 -7.93
CA ALA A 777 9.73 29.83 -8.98
C ALA A 777 10.44 29.31 -10.22
N ARG A 778 11.60 29.91 -10.53
CA ARG A 778 12.36 29.50 -11.69
C ARG A 778 13.00 28.13 -11.50
N HIS A 779 13.24 27.73 -10.25
CA HIS A 779 13.79 26.41 -9.98
C HIS A 779 12.72 25.36 -10.30
N LEU A 780 11.46 25.68 -10.00
CA LEU A 780 10.38 24.74 -10.27
C LEU A 780 10.25 24.57 -11.80
N ALA A 781 10.54 25.64 -12.54
CA ALA A 781 10.46 25.60 -14.01
C ALA A 781 11.58 24.72 -14.56
N ASP A 782 12.73 24.72 -13.90
CA ASP A 782 13.84 23.89 -14.33
C ASP A 782 13.41 22.43 -14.21
N LEU A 783 12.78 22.11 -13.08
CA LEU A 783 12.30 20.75 -12.85
C LEU A 783 11.21 20.37 -13.84
N THR A 784 10.36 21.32 -14.21
CA THR A 784 9.27 21.05 -15.14
C THR A 784 9.80 20.80 -16.55
N ARG A 785 10.73 21.63 -17.00
CA ARG A 785 11.32 21.45 -18.32
C ARG A 785 12.03 20.10 -18.39
N LEU A 786 12.83 19.80 -17.37
CA LEU A 786 13.54 18.53 -17.33
C LEU A 786 12.57 17.37 -17.45
N GLY A 787 11.42 17.51 -16.80
CA GLY A 787 10.39 16.48 -16.82
C GLY A 787 9.75 16.33 -18.20
N MET A 788 9.55 17.44 -18.89
CA MET A 788 8.95 17.42 -20.22
C MET A 788 9.89 16.76 -21.21
N ALA A 789 11.17 16.64 -20.81
CA ALA A 789 12.18 16.02 -21.65
C ALA A 789 12.45 14.58 -21.16
N GLY A 790 11.56 14.07 -20.33
CA GLY A 790 11.70 12.69 -19.85
C GLY A 790 12.44 12.47 -18.54
N ASN A 791 12.79 13.56 -17.86
CA ASN A 791 13.52 13.51 -16.60
C ASN A 791 14.73 12.58 -16.68
N LEU A 792 15.56 12.78 -17.71
CA LEU A 792 16.75 11.96 -17.92
C LEU A 792 17.93 12.48 -17.11
N ALA A 793 18.74 11.56 -16.59
CA ALA A 793 19.91 11.95 -15.81
C ALA A 793 20.96 12.70 -16.64
N ASP A 794 21.10 12.33 -17.91
CA ASP A 794 22.11 12.95 -18.78
C ASP A 794 21.66 14.10 -19.70
N PHE A 795 20.37 14.43 -19.67
CA PHE A 795 19.87 15.52 -20.50
C PHE A 795 20.53 16.82 -20.06
N VAL A 796 20.94 17.64 -21.02
CA VAL A 796 21.61 18.91 -20.75
C VAL A 796 20.74 20.15 -20.95
N LEU A 797 20.67 21.01 -19.95
CA LEU A 797 19.89 22.23 -20.07
C LEU A 797 20.56 23.42 -19.40
N ILE A 798 19.99 24.60 -19.62
CA ILE A 798 20.49 25.83 -19.04
C ILE A 798 19.57 26.11 -17.86
N ASP A 799 20.13 26.20 -16.65
CA ASP A 799 19.30 26.43 -15.48
C ASP A 799 18.95 27.90 -15.23
N LYS A 800 18.18 28.13 -14.16
CA LYS A 800 17.73 29.46 -13.78
C LYS A 800 18.82 30.52 -13.70
N ASP A 801 20.05 30.09 -13.45
CA ASP A 801 21.16 31.04 -13.33
C ASP A 801 22.03 31.10 -14.59
N GLY A 802 21.62 30.41 -15.64
CA GLY A 802 22.39 30.42 -16.87
C GLY A 802 23.51 29.39 -16.91
N ALA A 803 23.58 28.54 -15.90
CA ALA A 803 24.63 27.53 -15.84
C ALA A 803 24.22 26.28 -16.62
N VAL A 804 25.20 25.61 -17.22
CA VAL A 804 24.94 24.38 -17.98
C VAL A 804 24.86 23.23 -16.97
N LYS A 805 23.75 22.50 -17.01
CA LYS A 805 23.54 21.40 -16.07
C LYS A 805 22.93 20.15 -16.69
N ARG A 806 23.36 18.99 -16.20
CA ARG A 806 22.78 17.72 -16.64
C ARG A 806 21.59 17.53 -15.72
N GLY A 807 20.61 16.73 -16.15
CA GLY A 807 19.42 16.49 -15.34
C GLY A 807 19.72 16.05 -13.92
N SER A 808 20.74 15.22 -13.75
CA SER A 808 21.11 14.73 -12.42
C SER A 808 21.65 15.85 -11.52
N GLU A 809 21.99 16.99 -12.13
CA GLU A 809 22.52 18.12 -11.38
C GLU A 809 21.44 19.09 -10.89
N ILE A 810 20.23 18.93 -11.39
CA ILE A 810 19.13 19.78 -10.95
C ILE A 810 18.59 19.12 -9.68
N ASP A 811 18.63 19.86 -8.58
CA ASP A 811 18.19 19.33 -7.29
C ASP A 811 16.67 19.21 -7.08
N TYR A 812 16.27 18.14 -6.40
CA TYR A 812 14.87 17.91 -6.04
C TYR A 812 14.89 17.50 -4.57
N ASN A 813 14.64 18.48 -3.70
CA ASN A 813 14.64 18.26 -2.26
C ASN A 813 15.87 17.49 -1.76
N GLY A 814 17.05 17.90 -2.22
CA GLY A 814 18.27 17.26 -1.79
C GLY A 814 18.77 16.07 -2.60
N ALA A 815 17.96 15.61 -3.55
CA ALA A 815 18.36 14.48 -4.39
C ALA A 815 18.51 14.89 -5.85
N PRO A 816 19.28 14.10 -6.64
CA PRO A 816 19.46 14.43 -8.05
C PRO A 816 18.13 14.34 -8.78
N GLY A 817 17.75 15.42 -9.46
CA GLY A 817 16.48 15.46 -10.17
C GLY A 817 16.29 14.41 -11.25
N GLY A 818 17.08 14.50 -12.31
CA GLY A 818 16.98 13.55 -13.40
C GLY A 818 17.59 12.22 -12.98
N TYR A 819 16.86 11.13 -13.22
CA TYR A 819 17.35 9.80 -12.83
C TYR A 819 17.24 8.69 -13.87
N ALA A 820 16.50 8.94 -14.95
CA ALA A 820 16.27 7.91 -15.97
C ALA A 820 17.25 7.85 -17.15
N ALA A 821 17.24 6.72 -17.84
CA ALA A 821 18.08 6.49 -19.00
C ALA A 821 17.26 6.71 -20.28
N ASP A 822 15.97 6.39 -20.21
CA ASP A 822 15.06 6.56 -21.34
C ASP A 822 13.76 7.15 -20.78
N PRO A 823 13.08 8.01 -21.56
CA PRO A 823 11.83 8.60 -21.07
C PRO A 823 10.75 7.56 -20.76
N THR A 824 10.89 6.36 -21.30
CA THR A 824 9.91 5.31 -21.06
C THR A 824 10.06 4.69 -19.67
N GLU A 825 11.06 5.16 -18.92
CA GLU A 825 11.31 4.68 -17.56
C GLU A 825 10.72 5.69 -16.57
N VAL A 826 10.07 6.72 -17.11
CA VAL A 826 9.48 7.79 -16.31
C VAL A 826 7.99 7.96 -16.59
N VAL A 827 7.19 8.06 -15.53
CA VAL A 827 5.75 8.26 -15.66
C VAL A 827 5.41 9.60 -15.02
N ASN A 828 5.16 10.61 -15.86
CA ASN A 828 4.81 11.95 -15.38
C ASN A 828 3.33 12.04 -15.04
N TYR A 829 3.00 12.91 -14.09
CA TYR A 829 1.61 13.10 -13.69
C TYR A 829 1.43 14.29 -12.77
N VAL A 830 0.21 14.83 -12.74
CA VAL A 830 -0.10 15.95 -11.85
C VAL A 830 -1.36 15.68 -11.02
N SER A 831 -1.84 14.42 -11.07
CA SER A 831 -3.00 14.00 -10.29
C SER A 831 -3.08 12.47 -10.29
N LYS A 832 -3.52 11.90 -9.18
CA LYS A 832 -3.60 10.44 -9.02
C LYS A 832 -4.61 10.17 -7.91
N HIS A 833 -4.96 8.91 -7.67
CA HIS A 833 -5.94 8.62 -6.62
C HIS A 833 -5.46 9.09 -5.24
N ASP A 834 -4.13 9.07 -5.04
CA ASP A 834 -3.51 9.50 -3.78
C ASP A 834 -3.41 11.02 -3.68
N ASN A 835 -3.61 11.54 -2.47
CA ASN A 835 -3.52 12.97 -2.22
C ASN A 835 -4.62 13.76 -2.93
N GLN A 836 -4.62 15.07 -2.73
CA GLN A 836 -5.64 15.96 -3.30
C GLN A 836 -5.68 16.00 -4.83
N THR A 837 -6.87 16.13 -5.39
CA THR A 837 -7.01 16.20 -6.84
C THR A 837 -6.36 17.49 -7.33
N LEU A 838 -6.07 17.56 -8.62
CA LEU A 838 -5.45 18.75 -9.21
C LEU A 838 -6.32 19.99 -8.97
N TRP A 839 -7.64 19.85 -9.14
CA TRP A 839 -8.52 20.99 -8.94
C TRP A 839 -8.50 21.49 -7.50
N ASP A 840 -8.50 20.56 -6.54
CA ASP A 840 -8.49 20.96 -5.14
C ASP A 840 -7.17 21.65 -4.77
N MET A 841 -6.09 21.27 -5.43
CA MET A 841 -4.78 21.90 -5.17
C MET A 841 -4.80 23.34 -5.71
N ILE A 842 -5.37 23.51 -6.90
CA ILE A 842 -5.47 24.84 -7.50
C ILE A 842 -6.37 25.71 -6.62
N SER A 843 -7.38 25.10 -6.02
CA SER A 843 -8.30 25.85 -5.16
C SER A 843 -7.58 26.28 -3.87
N TYR A 844 -6.60 25.49 -3.43
CA TYR A 844 -5.83 25.83 -2.22
C TYR A 844 -4.80 26.94 -2.50
N LYS A 845 -4.22 26.90 -3.70
CA LYS A 845 -3.14 27.81 -4.08
C LYS A 845 -3.40 29.06 -4.93
N ALA A 846 -4.45 29.05 -5.73
CA ALA A 846 -4.74 30.17 -6.62
C ALA A 846 -4.96 31.49 -5.91
N ALA A 847 -4.43 32.56 -6.53
CA ALA A 847 -4.61 33.90 -5.97
C ALA A 847 -6.09 34.24 -5.97
N GLN A 848 -6.50 35.04 -4.99
CA GLN A 848 -7.89 35.44 -4.86
C GLN A 848 -8.46 36.07 -6.13
N GLU A 849 -7.62 36.78 -6.88
CA GLU A 849 -8.05 37.44 -8.11
C GLU A 849 -8.08 36.55 -9.36
N ALA A 850 -7.66 35.30 -9.23
CA ALA A 850 -7.70 34.40 -10.39
C ALA A 850 -9.16 33.93 -10.46
N ASP A 851 -9.89 34.36 -11.49
CA ASP A 851 -11.29 33.97 -11.62
C ASP A 851 -11.49 32.51 -12.04
N LEU A 852 -12.75 32.10 -12.13
CA LEU A 852 -13.09 30.73 -12.49
C LEU A 852 -12.52 30.28 -13.84
N ASP A 853 -12.67 31.10 -14.86
CA ASP A 853 -12.16 30.78 -16.19
C ASP A 853 -10.64 30.60 -16.14
N THR A 854 -9.98 31.44 -15.35
CA THR A 854 -8.53 31.34 -15.22
C THR A 854 -8.13 30.04 -14.53
N ARG A 855 -8.93 29.58 -13.58
CA ARG A 855 -8.62 28.35 -12.86
C ARG A 855 -8.80 27.13 -13.75
N VAL A 856 -9.75 27.18 -14.67
CA VAL A 856 -9.96 26.07 -15.59
C VAL A 856 -8.73 25.99 -16.50
N ARG A 857 -8.23 27.14 -16.93
CA ARG A 857 -7.04 27.16 -17.79
C ARG A 857 -5.78 26.73 -17.02
N MET A 858 -5.75 26.97 -15.71
CA MET A 858 -4.61 26.54 -14.88
C MET A 858 -4.60 25.01 -14.86
N GLN A 859 -5.78 24.41 -14.77
CA GLN A 859 -5.89 22.96 -14.75
C GLN A 859 -5.37 22.39 -16.08
N ALA A 860 -5.73 23.04 -17.19
CA ALA A 860 -5.28 22.56 -18.51
C ALA A 860 -3.79 22.80 -18.72
N VAL A 861 -3.31 23.96 -18.26
CA VAL A 861 -1.90 24.30 -18.40
C VAL A 861 -1.06 23.29 -17.60
N SER A 862 -1.55 22.89 -16.42
CA SER A 862 -0.87 21.93 -15.58
C SER A 862 -0.77 20.58 -16.30
N LEU A 863 -1.90 20.14 -16.85
CA LEU A 863 -1.95 18.86 -17.56
C LEU A 863 -1.14 18.86 -18.86
N ALA A 864 -0.95 20.04 -19.45
CA ALA A 864 -0.19 20.14 -20.70
C ALA A 864 1.29 19.79 -20.49
N THR A 865 1.85 20.09 -19.33
CA THR A 865 3.26 19.77 -19.09
C THR A 865 3.44 18.25 -19.12
N VAL A 866 2.39 17.51 -18.78
CA VAL A 866 2.41 16.05 -18.78
C VAL A 866 2.09 15.47 -20.17
N MET A 867 0.96 15.89 -20.73
CA MET A 867 0.52 15.40 -22.04
C MET A 867 1.44 15.72 -23.20
N LEU A 868 2.11 16.87 -23.15
CA LEU A 868 3.02 17.25 -24.22
C LEU A 868 4.48 16.90 -23.91
N GLY A 869 4.69 16.12 -22.85
CA GLY A 869 6.04 15.72 -22.47
C GLY A 869 6.47 14.37 -23.01
N GLN A 870 7.78 14.10 -23.01
CA GLN A 870 8.35 12.85 -23.52
C GLN A 870 8.16 11.64 -22.62
N GLY A 871 7.93 11.87 -21.33
CA GLY A 871 7.72 10.76 -20.44
C GLY A 871 6.33 10.19 -20.65
N ILE A 872 6.09 8.98 -20.14
CA ILE A 872 4.79 8.36 -20.26
C ILE A 872 3.81 9.26 -19.49
N ALA A 873 2.62 9.46 -20.05
CA ALA A 873 1.61 10.32 -19.45
C ALA A 873 0.62 9.54 -18.60
N PHE A 874 0.41 9.98 -17.36
CA PHE A 874 -0.50 9.32 -16.44
C PHE A 874 -1.41 10.38 -15.82
N ASP A 875 -2.69 10.03 -15.61
CA ASP A 875 -3.64 10.98 -15.04
C ASP A 875 -4.79 10.28 -14.33
N GLN A 876 -5.41 11.01 -13.41
CA GLN A 876 -6.54 10.52 -12.64
C GLN A 876 -7.86 10.64 -13.40
N GLN A 877 -8.71 9.62 -13.23
CA GLN A 877 -10.04 9.57 -13.84
C GLN A 877 -10.74 10.85 -13.41
N GLY A 878 -11.22 11.65 -14.37
CA GLY A 878 -11.93 12.86 -13.99
C GLY A 878 -11.19 14.19 -14.02
N SER A 879 -9.89 14.20 -14.29
CA SER A 879 -9.18 15.46 -14.37
C SER A 879 -9.78 16.32 -15.48
N GLU A 880 -10.27 15.65 -16.52
CA GLU A 880 -10.89 16.33 -17.66
C GLU A 880 -12.22 16.96 -17.26
N LEU A 881 -12.69 16.63 -16.06
CA LEU A 881 -13.94 17.17 -15.54
C LEU A 881 -13.69 17.98 -14.27
N LEU A 882 -12.47 18.47 -14.10
CA LEU A 882 -12.11 19.28 -12.92
C LEU A 882 -12.47 18.58 -11.61
N ARG A 883 -12.32 17.26 -11.59
CA ARG A 883 -12.67 16.44 -10.42
C ARG A 883 -12.21 16.95 -9.05
N SER A 884 -13.16 17.01 -8.13
CA SER A 884 -12.90 17.42 -6.76
C SER A 884 -13.36 16.33 -5.79
N LYS A 885 -12.73 16.29 -4.62
CA LYS A 885 -13.08 15.35 -3.57
C LYS A 885 -13.42 16.19 -2.34
N SER A 886 -13.81 17.44 -2.59
CA SER A 886 -14.18 18.37 -1.52
C SER A 886 -12.99 18.55 -0.56
N PHE A 887 -11.79 18.57 -1.14
CA PHE A 887 -10.51 18.74 -0.42
C PHE A 887 -9.98 17.49 0.30
N THR A 888 -10.68 16.37 0.20
CA THR A 888 -10.20 15.13 0.87
C THR A 888 -8.81 14.76 0.33
N ARG A 889 -7.84 14.54 1.22
CA ARG A 889 -6.49 14.16 0.79
C ARG A 889 -6.34 12.66 0.50
N ASP A 890 -6.84 11.83 1.42
CA ASP A 890 -6.73 10.36 1.29
C ASP A 890 -8.14 9.76 1.34
N SER A 891 -8.79 9.68 0.18
CA SER A 891 -10.17 9.20 0.06
C SER A 891 -10.45 7.70 -0.07
N TYR A 892 -9.51 6.85 0.31
CA TYR A 892 -9.67 5.40 0.18
C TYR A 892 -10.94 4.77 0.75
N ASP A 893 -11.47 5.33 1.83
CA ASP A 893 -12.67 4.80 2.46
C ASP A 893 -13.73 5.91 2.63
N SER A 894 -13.65 6.94 1.79
CA SER A 894 -14.59 8.06 1.87
C SER A 894 -15.88 7.87 1.05
N GLY A 895 -16.11 6.64 0.60
CA GLY A 895 -17.32 6.29 -0.13
C GLY A 895 -17.70 6.99 -1.41
N ASP A 896 -18.91 6.72 -1.87
CA ASP A 896 -19.45 7.31 -3.09
C ASP A 896 -19.58 8.83 -3.01
N TRP A 897 -19.86 9.36 -1.82
CA TRP A 897 -20.06 10.80 -1.67
C TRP A 897 -18.88 11.68 -2.04
N PHE A 898 -17.72 11.44 -1.45
CA PHE A 898 -16.55 12.25 -1.72
C PHE A 898 -15.79 11.86 -2.98
N ASN A 899 -16.00 10.63 -3.47
CA ASN A 899 -15.30 10.15 -4.67
C ASN A 899 -16.15 10.25 -5.93
N ARG A 900 -17.30 10.88 -5.81
CA ARG A 900 -18.24 11.07 -6.91
C ARG A 900 -17.70 11.72 -8.18
N VAL A 901 -18.02 11.13 -9.33
CA VAL A 901 -17.65 11.67 -10.63
C VAL A 901 -18.99 11.70 -11.39
N ASP A 902 -19.45 12.89 -11.75
CA ASP A 902 -20.73 13.06 -12.43
C ASP A 902 -20.64 13.14 -13.95
N TYR A 903 -20.91 12.02 -14.63
CA TYR A 903 -20.83 12.02 -16.08
C TYR A 903 -22.03 12.71 -16.74
N SER A 904 -22.94 13.27 -15.95
CA SER A 904 -24.08 13.98 -16.50
C SER A 904 -23.65 15.46 -16.61
N LEU A 905 -22.45 15.74 -16.11
CA LEU A 905 -21.84 17.07 -16.18
C LEU A 905 -22.47 18.24 -15.42
N GLN A 906 -23.15 17.97 -14.30
CA GLN A 906 -23.76 19.07 -13.58
C GLN A 906 -22.76 19.85 -12.72
N ASP A 907 -21.80 19.15 -12.13
CA ASP A 907 -20.78 19.79 -11.30
C ASP A 907 -19.60 18.85 -11.11
N ASN A 908 -18.55 19.33 -10.45
CA ASN A 908 -17.32 18.55 -10.25
C ASN A 908 -17.14 17.96 -8.85
N ASN A 909 -18.22 17.95 -8.07
CA ASN A 909 -18.22 17.44 -6.69
C ASN A 909 -17.44 18.30 -5.70
N TYR A 910 -17.24 19.57 -6.05
CA TYR A 910 -16.54 20.49 -5.17
C TYR A 910 -17.55 21.06 -4.16
N ASN A 911 -17.08 21.43 -2.97
CA ASN A 911 -17.95 21.99 -1.93
C ASN A 911 -19.16 21.12 -1.55
N VAL A 912 -18.92 19.85 -1.23
CA VAL A 912 -20.02 18.97 -0.83
C VAL A 912 -19.90 18.57 0.63
N GLY A 913 -19.18 19.38 1.40
CA GLY A 913 -18.99 19.11 2.83
C GLY A 913 -17.53 19.05 3.21
N MET A 914 -17.20 19.39 4.46
CA MET A 914 -15.81 19.34 4.91
C MET A 914 -15.36 17.88 4.86
N PRO A 915 -14.09 17.64 4.51
CA PRO A 915 -13.56 16.28 4.42
C PRO A 915 -13.33 15.62 5.79
N ARG A 916 -13.09 14.32 5.77
CA ARG A 916 -12.85 13.53 6.98
C ARG A 916 -11.96 14.29 7.97
N SER A 917 -12.46 14.49 9.18
CA SER A 917 -11.72 15.23 10.20
C SER A 917 -10.48 14.53 10.73
N SER A 918 -10.49 13.20 10.73
CA SER A 918 -9.36 12.44 11.23
C SER A 918 -8.05 12.72 10.50
N ASP A 919 -8.14 12.99 9.20
CA ASP A 919 -6.91 13.24 8.43
C ASP A 919 -6.79 14.65 7.84
N ASP A 920 -7.90 15.38 7.74
CA ASP A 920 -7.86 16.73 7.18
C ASP A 920 -8.32 17.80 8.16
N GLY A 921 -8.62 17.40 9.40
CA GLY A 921 -9.07 18.36 10.40
C GLY A 921 -8.11 19.52 10.60
N SER A 922 -6.81 19.26 10.48
CA SER A 922 -5.81 20.30 10.65
C SER A 922 -5.83 21.30 9.49
N ASN A 923 -6.55 20.96 8.43
CA ASN A 923 -6.65 21.82 7.26
C ASN A 923 -7.98 22.55 7.15
N TYR A 924 -8.86 22.35 8.13
CA TYR A 924 -10.16 23.01 8.13
C TYR A 924 -10.07 24.55 8.08
N ASP A 925 -9.12 25.12 8.80
CA ASP A 925 -8.98 26.56 8.83
C ASP A 925 -8.60 27.15 7.47
N ILE A 926 -7.64 26.54 6.79
CA ILE A 926 -7.24 27.04 5.49
C ILE A 926 -8.33 26.77 4.45
N ILE A 927 -9.00 25.63 4.57
CA ILE A 927 -10.07 25.28 3.65
C ILE A 927 -11.19 26.33 3.71
N ALA A 928 -11.60 26.68 4.93
CA ALA A 928 -12.67 27.66 5.10
C ALA A 928 -12.29 29.01 4.50
N ARG A 929 -11.00 29.34 4.53
CA ARG A 929 -10.54 30.62 3.98
C ARG A 929 -10.46 30.71 2.46
N VAL A 930 -10.23 29.58 1.80
CA VAL A 930 -10.10 29.58 0.33
C VAL A 930 -11.28 28.98 -0.45
N LYS A 931 -12.04 28.10 0.21
CA LYS A 931 -13.14 27.40 -0.44
C LYS A 931 -14.10 28.18 -1.33
N ASP A 932 -14.59 29.32 -0.86
CA ASP A 932 -15.56 30.08 -1.63
C ASP A 932 -15.03 31.25 -2.46
N ALA A 933 -13.75 31.22 -2.81
CA ALA A 933 -13.16 32.29 -3.60
C ALA A 933 -13.96 32.54 -4.89
N VAL A 934 -14.28 31.48 -5.62
CA VAL A 934 -15.05 31.60 -6.86
C VAL A 934 -16.18 30.57 -6.88
N ALA A 935 -17.00 30.61 -7.92
CA ALA A 935 -18.11 29.69 -8.05
C ALA A 935 -17.65 28.27 -8.32
N THR A 936 -18.55 27.31 -8.09
CA THR A 936 -18.26 25.91 -8.31
C THR A 936 -18.51 25.60 -9.78
N PRO A 937 -17.57 24.91 -10.45
CA PRO A 937 -17.74 24.58 -11.87
C PRO A 937 -19.08 23.90 -12.17
N GLY A 938 -19.66 24.28 -13.30
CA GLY A 938 -20.93 23.70 -13.72
C GLY A 938 -20.75 23.11 -15.10
N GLU A 939 -21.85 22.82 -15.78
CA GLU A 939 -21.79 22.22 -17.12
C GLU A 939 -20.93 22.98 -18.13
N THR A 940 -20.99 24.30 -18.12
CA THR A 940 -20.19 25.09 -19.06
C THR A 940 -18.69 24.86 -18.86
N GLU A 941 -18.25 24.87 -17.60
CA GLU A 941 -16.84 24.68 -17.29
C GLU A 941 -16.38 23.25 -17.56
N LEU A 942 -17.21 22.27 -17.24
CA LEU A 942 -16.85 20.87 -17.45
C LEU A 942 -16.68 20.58 -18.94
N LYS A 943 -17.56 21.12 -19.77
CA LYS A 943 -17.46 20.89 -21.21
C LYS A 943 -16.22 21.57 -21.76
N GLN A 944 -15.92 22.75 -21.23
CA GLN A 944 -14.75 23.51 -21.67
C GLN A 944 -13.49 22.71 -21.35
N MET A 945 -13.41 22.16 -20.14
CA MET A 945 -12.24 21.38 -19.73
C MET A 945 -12.09 20.09 -20.54
N THR A 946 -13.20 19.40 -20.78
CA THR A 946 -13.12 18.18 -21.57
C THR A 946 -12.58 18.50 -22.95
N ALA A 947 -12.95 19.66 -23.48
CA ALA A 947 -12.48 20.09 -24.80
C ALA A 947 -10.96 20.31 -24.75
N PHE A 948 -10.51 21.05 -23.75
CA PHE A 948 -9.08 21.33 -23.58
C PHE A 948 -8.30 20.03 -23.46
N TYR A 949 -8.80 19.13 -22.63
CA TYR A 949 -8.16 17.84 -22.36
C TYR A 949 -8.03 17.00 -23.62
N GLN A 950 -9.11 16.89 -24.39
CA GLN A 950 -9.05 16.10 -25.61
C GLN A 950 -8.17 16.74 -26.66
N GLU A 951 -8.01 18.06 -26.57
CA GLU A 951 -7.12 18.76 -27.48
C GLU A 951 -5.68 18.38 -27.15
N LEU A 952 -5.34 18.35 -25.86
CA LEU A 952 -4.00 17.99 -25.43
C LEU A 952 -3.62 16.56 -25.80
N THR A 953 -4.52 15.60 -25.55
CA THR A 953 -4.22 14.20 -25.87
C THR A 953 -4.15 13.97 -27.37
N ALA A 954 -4.93 14.74 -28.14
CA ALA A 954 -4.93 14.61 -29.59
C ALA A 954 -3.60 15.13 -30.13
N LEU A 955 -3.08 16.20 -29.52
CA LEU A 955 -1.81 16.76 -29.94
C LEU A 955 -0.67 15.79 -29.63
N ARG A 956 -0.75 15.13 -28.48
CA ARG A 956 0.27 14.17 -28.07
C ARG A 956 0.48 13.05 -29.10
N LYS A 957 -0.60 12.59 -29.72
CA LYS A 957 -0.48 11.51 -30.69
C LYS A 957 -0.43 11.97 -32.16
N SER A 958 -0.41 13.28 -32.37
CA SER A 958 -0.40 13.83 -33.73
C SER A 958 0.95 13.75 -34.43
N SER A 959 2.00 13.41 -33.70
CA SER A 959 3.32 13.33 -34.29
C SER A 959 4.24 12.46 -33.45
N PRO A 960 5.12 11.68 -34.10
CA PRO A 960 6.04 10.82 -33.36
C PRO A 960 7.10 11.60 -32.59
N LEU A 961 7.21 12.90 -32.86
CA LEU A 961 8.20 13.73 -32.19
C LEU A 961 7.92 13.95 -30.69
N PHE A 962 6.66 13.82 -30.29
CA PHE A 962 6.27 14.00 -28.89
C PHE A 962 6.62 12.79 -28.03
N THR A 963 6.81 11.65 -28.68
CA THR A 963 7.07 10.40 -27.98
C THR A 963 8.25 9.61 -28.56
N LEU A 964 9.42 10.25 -28.60
CA LEU A 964 10.63 9.65 -29.14
C LEU A 964 11.07 8.32 -28.53
N GLY A 965 10.76 8.10 -27.26
CA GLY A 965 11.09 6.84 -26.62
C GLY A 965 12.52 6.57 -26.15
N ASP A 966 13.50 6.80 -27.02
CA ASP A 966 14.91 6.58 -26.69
C ASP A 966 15.59 7.81 -26.11
N GLY A 967 16.28 7.63 -24.99
CA GLY A 967 16.96 8.73 -24.34
C GLY A 967 17.95 9.48 -25.22
N ALA A 968 18.78 8.73 -25.95
CA ALA A 968 19.76 9.34 -26.83
C ALA A 968 19.09 10.20 -27.89
N THR A 969 17.92 9.77 -28.36
CA THR A 969 17.19 10.51 -29.38
C THR A 969 16.61 11.80 -28.79
N VAL A 970 16.13 11.72 -27.55
CA VAL A 970 15.60 12.91 -26.90
C VAL A 970 16.71 13.95 -26.79
N MET A 971 17.89 13.52 -26.36
CA MET A 971 19.01 14.44 -26.22
C MET A 971 19.45 15.07 -27.54
N LYS A 972 19.29 14.33 -28.65
CA LYS A 972 19.69 14.87 -29.95
C LYS A 972 18.65 15.80 -30.58
N ARG A 973 17.40 15.72 -30.11
CA ARG A 973 16.32 16.52 -30.71
C ARG A 973 15.59 17.55 -29.86
N VAL A 974 15.56 17.35 -28.54
CA VAL A 974 14.85 18.27 -27.66
C VAL A 974 15.69 19.35 -27.00
N ASP A 975 15.17 20.58 -27.00
CA ASP A 975 15.87 21.71 -26.40
C ASP A 975 14.82 22.67 -25.85
N PHE A 976 15.28 23.74 -25.20
CA PHE A 976 14.38 24.75 -24.64
C PHE A 976 14.85 26.17 -24.92
N ARG A 977 13.90 27.09 -24.99
CA ARG A 977 14.17 28.51 -25.19
C ARG A 977 13.69 29.22 -23.92
N ASN A 978 13.88 30.53 -23.85
CA ASN A 978 13.45 31.30 -22.68
C ASN A 978 14.02 30.72 -21.38
N THR A 979 15.33 30.52 -21.35
CA THR A 979 16.00 29.99 -20.17
C THR A 979 17.01 31.00 -19.64
N GLY A 980 17.57 30.72 -18.47
CA GLY A 980 18.56 31.65 -17.91
C GLY A 980 18.00 32.68 -16.97
N ALA A 981 18.87 33.59 -16.52
CA ALA A 981 18.50 34.64 -15.59
C ALA A 981 17.62 35.75 -16.17
N ASP A 982 17.62 35.87 -17.50
CA ASP A 982 16.82 36.90 -18.17
C ASP A 982 15.53 36.33 -18.76
N GLN A 983 15.09 35.18 -18.26
CA GLN A 983 13.88 34.54 -18.77
C GLN A 983 12.58 35.18 -18.30
N GLN A 984 11.53 35.00 -19.09
CA GLN A 984 10.22 35.52 -18.71
C GLN A 984 9.61 34.40 -17.86
N THR A 985 9.50 34.65 -16.56
CA THR A 985 8.98 33.65 -15.62
C THR A 985 7.64 33.03 -16.00
N GLY A 986 7.54 31.72 -15.88
CA GLY A 986 6.30 31.03 -16.18
C GLY A 986 6.09 30.57 -17.62
N LEU A 987 6.91 31.07 -18.54
CA LEU A 987 6.80 30.69 -19.95
C LEU A 987 7.72 29.52 -20.28
N LEU A 988 7.13 28.39 -20.63
CA LEU A 988 7.89 27.19 -20.97
C LEU A 988 7.89 27.03 -22.49
N VAL A 989 9.09 27.00 -23.08
CA VAL A 989 9.22 26.87 -24.53
C VAL A 989 10.15 25.70 -24.87
N MET A 990 9.57 24.64 -25.43
CA MET A 990 10.33 23.45 -25.80
C MET A 990 10.33 23.24 -27.31
N THR A 991 11.49 22.89 -27.85
CA THR A 991 11.60 22.63 -29.28
C THR A 991 11.94 21.16 -29.52
N ILE A 992 11.45 20.61 -30.61
CA ILE A 992 11.74 19.22 -30.97
C ILE A 992 12.18 19.23 -32.43
N ASP A 993 13.44 18.88 -32.65
CA ASP A 993 14.04 18.88 -33.98
C ASP A 993 13.73 17.66 -34.87
N ASP A 994 13.49 17.92 -36.14
CA ASP A 994 13.27 16.86 -37.11
C ASP A 994 14.07 17.24 -38.35
N GLY A 995 14.97 18.21 -38.16
CA GLY A 995 15.80 18.70 -39.24
C GLY A 995 17.00 17.81 -39.54
N MET A 996 17.77 18.19 -40.56
CA MET A 996 18.93 17.43 -41.00
C MET A 996 19.97 17.12 -39.92
N GLN A 997 20.17 18.04 -38.97
CA GLN A 997 21.15 17.80 -37.91
C GLN A 997 20.69 16.76 -36.89
N ALA A 998 19.38 16.50 -36.84
CA ALA A 998 18.84 15.52 -35.91
C ALA A 998 19.02 14.11 -36.44
N GLY A 999 19.06 14.00 -37.77
CA GLY A 999 19.20 12.72 -38.42
C GLY A 999 18.11 12.60 -39.45
N ALA A 1000 17.41 11.47 -39.47
CA ALA A 1000 16.34 11.26 -40.43
C ALA A 1000 15.06 11.98 -40.03
N SER A 1001 14.25 12.32 -41.03
CA SER A 1001 12.97 12.98 -40.77
C SER A 1001 12.02 11.92 -40.25
N LEU A 1002 11.55 12.09 -39.03
CA LEU A 1002 10.62 11.13 -38.42
C LEU A 1002 9.16 11.47 -38.71
N ASP A 1003 8.92 12.71 -39.13
CA ASP A 1003 7.58 13.18 -39.45
C ASP A 1003 7.63 13.92 -40.80
N SER A 1004 7.03 13.33 -41.82
CA SER A 1004 7.05 13.90 -43.17
C SER A 1004 6.35 15.24 -43.33
N ARG A 1005 5.56 15.65 -42.35
CA ARG A 1005 4.84 16.90 -42.46
C ARG A 1005 5.55 18.11 -41.84
N VAL A 1006 6.52 17.86 -40.97
CA VAL A 1006 7.21 18.97 -40.31
C VAL A 1006 8.71 18.77 -40.17
N ASP A 1007 9.43 19.88 -40.05
CA ASP A 1007 10.88 19.87 -39.86
C ASP A 1007 11.15 20.14 -38.39
N GLY A 1008 10.09 20.41 -37.63
CA GLY A 1008 10.24 20.68 -36.21
C GLY A 1008 8.95 21.12 -35.56
N ILE A 1009 8.93 21.05 -34.22
CA ILE A 1009 7.74 21.46 -33.46
C ILE A 1009 8.16 22.32 -32.27
N VAL A 1010 7.30 23.28 -31.93
CA VAL A 1010 7.54 24.17 -30.80
C VAL A 1010 6.36 24.05 -29.84
N VAL A 1011 6.64 23.77 -28.57
CA VAL A 1011 5.60 23.69 -27.56
C VAL A 1011 5.77 24.91 -26.65
N ALA A 1012 4.75 25.75 -26.57
CA ALA A 1012 4.82 26.95 -25.74
C ALA A 1012 3.68 26.96 -24.73
N ILE A 1013 4.04 26.94 -23.45
CA ILE A 1013 3.06 26.96 -22.37
C ILE A 1013 3.27 28.23 -21.57
N ASN A 1014 2.33 29.17 -21.70
CA ASN A 1014 2.43 30.44 -21.00
C ASN A 1014 1.66 30.39 -19.68
N ALA A 1015 2.31 29.89 -18.64
CA ALA A 1015 1.69 29.79 -17.32
C ALA A 1015 1.89 31.11 -16.60
N ALA A 1016 1.20 32.15 -17.07
CA ALA A 1016 1.31 33.48 -16.47
C ALA A 1016 0.12 34.37 -16.85
N PRO A 1017 -0.09 35.45 -16.09
CA PRO A 1017 -1.18 36.39 -16.32
C PRO A 1017 -0.93 37.47 -17.38
N GLU A 1018 0.25 37.46 -17.99
CA GLU A 1018 0.60 38.43 -19.04
C GLU A 1018 0.65 37.78 -20.41
N SER A 1019 0.54 38.60 -21.45
CA SER A 1019 0.68 38.10 -22.83
C SER A 1019 2.20 38.09 -22.99
N ARG A 1020 2.73 37.08 -23.68
CA ARG A 1020 4.17 36.98 -23.92
C ARG A 1020 4.45 36.89 -25.41
N THR A 1021 5.52 37.54 -25.85
CA THR A 1021 5.90 37.52 -27.26
C THR A 1021 7.23 36.79 -27.42
N LEU A 1022 7.26 35.86 -28.38
CA LEU A 1022 8.46 35.08 -28.67
C LEU A 1022 9.12 35.63 -29.93
N GLN A 1023 10.41 35.92 -29.85
CA GLN A 1023 11.17 36.44 -30.99
C GLN A 1023 12.19 35.40 -31.44
N ASP A 1024 12.24 34.27 -30.75
CA ASP A 1024 13.19 33.21 -31.06
C ASP A 1024 13.07 32.58 -32.44
N PHE A 1025 11.91 32.72 -33.07
CA PHE A 1025 11.72 32.10 -34.38
C PHE A 1025 11.37 33.05 -35.51
N ALA A 1026 11.84 34.29 -35.40
CA ALA A 1026 11.59 35.30 -36.43
C ALA A 1026 12.19 34.83 -37.74
N GLY A 1027 11.36 34.76 -38.78
CA GLY A 1027 11.84 34.33 -40.08
C GLY A 1027 12.08 32.83 -40.16
N THR A 1028 11.08 32.03 -39.80
CA THR A 1028 11.19 30.58 -39.83
C THR A 1028 9.99 29.95 -40.54
N SER A 1029 8.85 30.63 -40.44
CA SER A 1029 7.60 30.18 -41.07
C SER A 1029 6.78 29.23 -40.19
N LEU A 1030 6.70 29.52 -38.90
CA LEU A 1030 5.93 28.68 -37.98
C LEU A 1030 4.43 28.80 -38.25
N GLN A 1031 3.71 27.73 -37.96
CA GLN A 1031 2.26 27.70 -38.13
C GLN A 1031 1.60 26.96 -36.97
N LEU A 1032 0.41 27.38 -36.58
CA LEU A 1032 -0.31 26.73 -35.49
C LEU A 1032 -0.80 25.36 -35.95
N SER A 1033 -0.72 24.37 -35.07
CA SER A 1033 -1.18 23.01 -35.38
C SER A 1033 -2.62 23.06 -35.89
N ALA A 1034 -2.91 22.27 -36.92
CA ALA A 1034 -4.26 22.23 -37.48
C ALA A 1034 -5.29 21.82 -36.44
N ILE A 1035 -4.87 20.98 -35.49
CA ILE A 1035 -5.78 20.52 -34.44
C ILE A 1035 -6.27 21.68 -33.59
N GLN A 1036 -5.36 22.59 -33.22
CA GLN A 1036 -5.77 23.73 -32.41
C GLN A 1036 -6.54 24.74 -33.26
N GLN A 1037 -6.14 24.91 -34.51
CA GLN A 1037 -6.86 25.85 -35.39
C GLN A 1037 -8.32 25.41 -35.48
N ALA A 1038 -8.53 24.10 -35.64
CA ALA A 1038 -9.87 23.54 -35.77
C ALA A 1038 -10.77 23.78 -34.56
N ALA A 1039 -10.16 23.97 -33.39
CA ALA A 1039 -10.93 24.21 -32.18
C ALA A 1039 -11.43 25.65 -32.07
N GLY A 1040 -10.91 26.52 -32.93
CA GLY A 1040 -11.34 27.91 -32.90
C GLY A 1040 -11.13 28.60 -31.56
N ASP A 1041 -12.17 29.29 -31.08
CA ASP A 1041 -12.05 30.00 -29.81
C ASP A 1041 -12.19 29.08 -28.60
N ARG A 1042 -12.30 27.78 -28.84
CA ARG A 1042 -12.41 26.81 -27.77
C ARG A 1042 -11.04 26.17 -27.53
N SER A 1043 -10.05 26.61 -28.30
CA SER A 1043 -8.69 26.08 -28.18
C SER A 1043 -7.92 26.70 -27.02
N LEU A 1044 -6.92 25.97 -26.52
CA LEU A 1044 -6.07 26.48 -25.45
C LEU A 1044 -5.20 27.55 -26.09
N ALA A 1045 -5.17 27.55 -27.41
CA ALA A 1045 -4.37 28.51 -28.18
C ALA A 1045 -5.22 29.66 -28.73
N SER A 1046 -6.45 29.78 -28.27
CA SER A 1046 -7.31 30.86 -28.74
C SER A 1046 -6.67 32.22 -28.46
N GLY A 1047 -6.57 33.07 -29.48
CA GLY A 1047 -5.97 34.37 -29.29
C GLY A 1047 -4.49 34.43 -29.63
N VAL A 1048 -3.88 33.28 -29.87
CA VAL A 1048 -2.46 33.22 -30.23
C VAL A 1048 -2.29 33.88 -31.59
N GLN A 1049 -1.21 34.62 -31.76
CA GLN A 1049 -0.97 35.30 -33.02
C GLN A 1049 0.42 35.07 -33.59
N VAL A 1050 0.46 34.69 -34.86
CA VAL A 1050 1.71 34.47 -35.57
C VAL A 1050 1.85 35.66 -36.52
N ALA A 1051 2.78 36.55 -36.22
CA ALA A 1051 2.99 37.75 -37.03
C ALA A 1051 3.80 37.52 -38.30
N ALA A 1052 3.77 38.52 -39.18
CA ALA A 1052 4.49 38.48 -40.44
C ALA A 1052 5.99 38.30 -40.20
N ASP A 1053 6.52 39.06 -39.23
CA ASP A 1053 7.94 38.98 -38.90
C ASP A 1053 8.32 37.67 -38.22
N GLY A 1054 7.37 36.75 -38.11
CA GLY A 1054 7.65 35.47 -37.49
C GLY A 1054 7.53 35.43 -35.98
N SER A 1055 7.26 36.57 -35.35
CA SER A 1055 7.12 36.61 -33.90
C SER A 1055 5.79 35.96 -33.52
N VAL A 1056 5.77 35.33 -32.36
CA VAL A 1056 4.56 34.66 -31.88
C VAL A 1056 4.15 35.24 -30.53
N THR A 1057 2.89 35.63 -30.40
CA THR A 1057 2.40 36.20 -29.14
C THR A 1057 1.35 35.26 -28.54
N LEU A 1058 1.53 34.96 -27.26
CA LEU A 1058 0.61 34.09 -26.54
C LEU A 1058 -0.12 34.84 -25.45
N PRO A 1059 -1.44 34.62 -25.34
CA PRO A 1059 -2.28 35.27 -24.33
C PRO A 1059 -2.00 34.63 -22.97
N ALA A 1060 -2.51 35.24 -21.91
CA ALA A 1060 -2.34 34.70 -20.57
C ALA A 1060 -2.90 33.26 -20.48
N TRP A 1061 -2.23 32.44 -19.68
CA TRP A 1061 -2.65 31.05 -19.45
C TRP A 1061 -3.07 30.32 -20.73
N SER A 1062 -2.14 30.21 -21.67
CA SER A 1062 -2.43 29.56 -22.93
C SER A 1062 -1.39 28.50 -23.28
N VAL A 1063 -1.71 27.66 -24.26
CA VAL A 1063 -0.81 26.61 -24.71
C VAL A 1063 -0.88 26.56 -26.22
N ALA A 1064 0.28 26.62 -26.86
CA ALA A 1064 0.34 26.59 -28.31
C ALA A 1064 1.37 25.60 -28.84
N VAL A 1065 0.98 24.84 -29.85
CA VAL A 1065 1.86 23.90 -30.50
C VAL A 1065 2.00 24.43 -31.92
N LEU A 1066 3.23 24.80 -32.29
CA LEU A 1066 3.51 25.37 -33.62
C LEU A 1066 4.41 24.41 -34.40
N GLU A 1067 4.27 24.41 -35.73
CA GLU A 1067 5.06 23.52 -36.57
C GLU A 1067 5.77 24.21 -37.74
N LEU A 1068 6.90 23.64 -38.14
CA LEU A 1068 7.65 24.12 -39.30
C LEU A 1068 7.28 23.17 -40.42
N PRO A 1069 6.36 23.57 -41.31
CA PRO A 1069 5.95 22.69 -42.41
C PRO A 1069 7.13 22.24 -43.27
N GLN A 1070 7.15 20.96 -43.61
CA GLN A 1070 8.23 20.39 -44.41
C GLN A 1070 7.95 20.53 -45.91
N GLY A 1071 8.98 20.94 -46.66
CA GLY A 1071 8.85 21.13 -48.10
C GLY A 1071 9.23 19.91 -48.91
N GLU A 1072 9.80 20.14 -50.10
CA GLU A 1072 10.19 19.05 -50.99
C GLU A 1072 11.16 18.09 -50.31
N SER A 1073 12.05 18.63 -49.48
CA SER A 1073 13.02 17.80 -48.77
C SER A 1073 13.22 18.30 -47.34
N GLN A 1074 13.79 17.44 -46.50
CA GLN A 1074 14.03 17.78 -45.10
C GLN A 1074 14.68 19.15 -44.98
N GLY A 1075 14.17 19.97 -44.06
CA GLY A 1075 14.71 21.31 -43.87
C GLY A 1075 15.71 21.46 -42.74
N ALA A 1076 16.04 22.71 -42.40
CA ALA A 1076 16.99 23.00 -41.35
C ALA A 1076 16.47 22.59 -39.97
N GLY A 1077 15.19 22.83 -39.72
CA GLY A 1077 14.59 22.46 -38.45
C GLY A 1077 14.97 23.33 -37.27
N LEU A 1078 15.01 22.73 -36.09
CA LEU A 1078 15.35 23.43 -34.85
C LEU A 1078 16.46 22.67 -34.13
N PRO A 1079 17.71 22.78 -34.62
CA PRO A 1079 18.83 22.08 -34.01
C PRO A 1079 19.09 22.43 -32.54
N VAL A 1080 19.45 21.42 -31.77
CA VAL A 1080 19.75 21.60 -30.36
C VAL A 1080 21.03 22.42 -30.28
N SER A 1081 21.03 23.45 -29.43
CA SER A 1081 22.20 24.30 -29.28
C SER A 1081 23.29 23.62 -28.46
N SER A 1082 24.51 23.64 -28.98
CA SER A 1082 25.63 23.04 -28.27
C SER A 1082 25.84 23.88 -27.01
N LYS A 1083 26.09 23.23 -25.89
CA LYS A 1083 26.28 23.94 -24.63
C LYS A 1083 27.61 23.61 -23.96
#